data_8KCM
#
_entry.id   8KCM
#
_cell.length_a   71.830
_cell.length_b   115.040
_cell.length_c   167.710
_cell.angle_alpha   90.00
_cell.angle_beta   90.00
_cell.angle_gamma   90.00
#
_symmetry.space_group_name_H-M   'P 21 21 21'
#
loop_
_entity.id
_entity.type
_entity.pdbx_description
1 polymer 'Deoxyribodipyrimidine photo-lyase'
2 polymer 'Repaired DNA'
3 polymer 'complementary oligonucleotide to the repaired DNA'
4 non-polymer 'FLAVIN-ADENINE DINUCLEOTIDE'
5 non-polymer 'SULFATE ION'
6 non-polymer GLYCEROL
7 water water
#
loop_
_entity_poly.entity_id
_entity_poly.type
_entity_poly.pdbx_seq_one_letter_code
_entity_poly.pdbx_strand_id
1 'polypeptide(L)'
;MGSSHHHHHHSSGLVPRGSHMNPKRIRALKSGKQGDGPVVYWMSRDQRAEDNWALLFSRAIAKEANVPVVVVFCLTDEFL
EAGIRQYEFMLKGLQELEVSLSRKKIPSFFLRGDPGEKISRFVKDYNAGTLVTDFSPLRIKNQWIEKVISGISIPFFEVD
AHNVVPCWEASQKHEYAAHTFRPKLYALLPEFLEEFPELEPNSVTPELSAGAGMVETLSDVLETGVKALLPERALLKNKD
PLFEPWHFEPGEKAAKKVMESFIADRLDSYGALRNDPTKNMLSNLSPYLHFGQISSQRVVLEVEKAESNPGSKKAFLDEI
LIWKEISDNFCYYNPGYDGFESFPSWAKESLNAHRNDVRSHIYTLEEFEAGKTHDPLWNASQMELLSTGKMHGYTRMYWA
KKILEWSESPEKALEIAICLNDRYELDGRDPNGYAGIAWSIGGVHDRAWGEREVTGKIRYMSYEGCKRKFDVKLYIEKYS
AL
;
A,B
2 'polydeoxyribonucleotide' (DA)(DT)(DC)(DG)(DG)(DC)(DT)(DT)(DC)(DG)(DC)(DG)(DC)(DA) C,E
3 'polydeoxyribonucleotide' (DT)(DG)(DC)(DG)(DC)(DG)(DA)(DA)(DG)(DC)(DC)(DG)(DA)(DT) D,F
#
loop_
_chem_comp.id
_chem_comp.type
_chem_comp.name
_chem_comp.formula
DA DNA linking 2'-DEOXYADENOSINE-5'-MONOPHOSPHATE 'C10 H14 N5 O6 P'
DC DNA linking 2'-DEOXYCYTIDINE-5'-MONOPHOSPHATE 'C9 H14 N3 O7 P'
DG DNA linking 2'-DEOXYGUANOSINE-5'-MONOPHOSPHATE 'C10 H14 N5 O7 P'
DT DNA linking THYMIDINE-5'-MONOPHOSPHATE 'C10 H15 N2 O8 P'
FAD non-polymer 'FLAVIN-ADENINE DINUCLEOTIDE' 'C27 H33 N9 O15 P2'
GOL non-polymer GLYCEROL 'C3 H8 O3'
SO4 non-polymer 'SULFATE ION' 'O4 S -2'
#
# COMPACT_ATOMS: atom_id res chain seq x y z
N PRO A 16 31.51 -27.01 7.90
CA PRO A 16 32.52 -26.85 8.95
C PRO A 16 32.20 -27.57 10.26
N ARG A 17 32.89 -28.68 10.51
CA ARG A 17 32.73 -29.44 11.75
C ARG A 17 31.34 -30.06 11.84
N GLY A 18 31.22 -31.20 12.49
CA GLY A 18 29.93 -31.79 12.81
C GLY A 18 29.90 -33.30 12.64
N SER A 19 28.94 -33.92 13.33
CA SER A 19 28.62 -35.34 13.16
C SER A 19 27.15 -35.51 12.84
N HIS A 20 26.26 -34.98 13.69
CA HIS A 20 24.83 -34.84 13.38
C HIS A 20 24.54 -33.52 12.69
N MET A 21 25.43 -33.06 11.82
CA MET A 21 25.34 -31.73 11.22
C MET A 21 25.54 -31.81 9.72
N ASN A 22 24.46 -31.71 8.96
CA ASN A 22 24.57 -31.64 7.52
C ASN A 22 25.14 -30.29 7.12
N PRO A 23 26.32 -30.23 6.48
CA PRO A 23 26.89 -28.92 6.16
C PRO A 23 26.11 -28.14 5.11
N LYS A 24 25.13 -28.78 4.46
CA LYS A 24 24.30 -28.06 3.49
C LYS A 24 23.31 -27.12 4.18
N ARG A 25 23.11 -27.25 5.48
CA ARG A 25 22.25 -26.32 6.20
C ARG A 25 22.91 -24.97 6.43
N ILE A 26 24.21 -24.84 6.17
CA ILE A 26 24.97 -23.63 6.46
C ILE A 26 25.56 -23.13 5.16
N ARG A 27 25.64 -21.81 5.01
CA ARG A 27 26.27 -21.19 3.86
C ARG A 27 27.04 -19.97 4.32
N ALA A 28 28.10 -19.65 3.58
CA ALA A 28 28.94 -18.50 3.91
C ALA A 28 28.38 -17.24 3.28
N LEU A 29 28.17 -16.22 4.11
CA LEU A 29 27.78 -14.89 3.64
C LEU A 29 28.94 -13.93 3.48
N LYS A 30 29.96 -14.07 4.32
CA LYS A 30 31.19 -13.25 4.22
C LYS A 30 32.40 -14.09 4.64
N SER A 31 33.50 -14.00 3.93
CA SER A 31 34.77 -14.61 4.27
C SER A 31 35.60 -13.63 5.10
N GLY A 32 36.36 -14.18 6.03
CA GLY A 32 37.24 -13.36 6.84
C GLY A 32 38.11 -14.23 7.72
N LYS A 33 39.06 -13.57 8.39
CA LYS A 33 39.91 -14.25 9.36
C LYS A 33 39.11 -14.44 10.65
N GLN A 34 38.94 -15.69 11.06
CA GLN A 34 38.24 -15.97 12.30
C GLN A 34 38.95 -15.28 13.45
N GLY A 35 38.23 -14.44 14.17
CA GLY A 35 38.78 -13.79 15.34
C GLY A 35 39.02 -14.78 16.47
N ASP A 36 39.57 -14.26 17.56
CA ASP A 36 39.91 -15.07 18.73
C ASP A 36 38.80 -15.06 19.79
N GLY A 37 37.72 -14.33 19.57
CA GLY A 37 36.70 -14.14 20.58
C GLY A 37 35.52 -15.06 20.40
N PRO A 38 34.43 -14.80 21.15
CA PRO A 38 33.28 -15.69 21.10
C PRO A 38 32.61 -15.71 19.73
N VAL A 39 31.90 -16.80 19.48
CA VAL A 39 31.10 -16.97 18.27
C VAL A 39 29.70 -16.48 18.58
N VAL A 40 29.14 -15.66 17.71
CA VAL A 40 27.88 -14.96 17.99
C VAL A 40 26.80 -15.48 17.06
N TYR A 41 25.71 -15.95 17.66
CA TYR A 41 24.48 -16.30 16.94
C TYR A 41 23.56 -15.08 16.98
N TRP A 42 23.47 -14.37 15.87
CA TRP A 42 22.48 -13.30 15.69
C TRP A 42 21.14 -13.96 15.40
N MET A 43 20.30 -14.08 16.42
CA MET A 43 19.02 -14.75 16.31
C MET A 43 17.95 -13.75 15.87
N SER A 44 17.11 -14.18 14.92
CA SER A 44 16.03 -13.32 14.42
C SER A 44 14.73 -14.10 14.23
N ARG A 45 14.74 -15.07 13.33
CA ARG A 45 13.53 -15.80 12.97
C ARG A 45 13.25 -16.98 13.90
N ASP A 46 14.26 -17.57 14.51
CA ASP A 46 14.11 -18.84 15.22
C ASP A 46 14.41 -18.62 16.70
N GLN A 47 13.41 -18.09 17.41
CA GLN A 47 13.56 -17.68 18.80
C GLN A 47 13.21 -18.86 19.70
N ARG A 48 14.14 -19.81 19.77
CA ARG A 48 14.01 -20.98 20.61
C ARG A 48 15.41 -21.48 20.91
N ALA A 49 15.53 -22.24 22.00
CA ALA A 49 16.79 -22.86 22.38
C ALA A 49 16.92 -24.31 21.94
N GLU A 50 15.81 -25.05 21.88
CA GLU A 50 15.82 -26.42 21.41
C GLU A 50 15.62 -26.49 19.90
N ASP A 51 16.11 -27.57 19.30
CA ASP A 51 15.82 -27.91 17.91
C ASP A 51 16.08 -26.72 17.00
N ASN A 52 17.26 -26.11 17.16
CA ASN A 52 17.62 -24.90 16.42
C ASN A 52 18.98 -25.14 15.76
N TRP A 53 18.96 -25.48 14.47
CA TRP A 53 20.21 -25.74 13.76
C TRP A 53 21.14 -24.54 13.81
N ALA A 54 20.58 -23.32 13.82
CA ALA A 54 21.43 -22.13 13.82
C ALA A 54 22.18 -22.01 15.14
N LEU A 55 21.51 -22.27 16.26
CA LEU A 55 22.19 -22.25 17.55
C LEU A 55 23.09 -23.48 17.70
N LEU A 56 22.66 -24.62 17.16
CA LEU A 56 23.48 -25.82 17.23
C LEU A 56 24.77 -25.67 16.42
N PHE A 57 24.70 -25.09 15.22
CA PHE A 57 25.92 -24.90 14.44
C PHE A 57 26.83 -23.85 15.07
N SER A 58 26.24 -22.82 15.68
CA SER A 58 27.04 -21.84 16.40
C SER A 58 27.76 -22.50 17.58
N ARG A 59 27.06 -23.38 18.31
CA ARG A 59 27.67 -24.07 19.43
C ARG A 59 28.83 -24.94 18.97
N ALA A 60 28.61 -25.72 17.90
CA ALA A 60 29.65 -26.61 17.40
C ALA A 60 30.84 -25.83 16.88
N ILE A 61 30.59 -24.68 16.24
CA ILE A 61 31.71 -23.86 15.78
C ILE A 61 32.50 -23.34 16.97
N ALA A 62 31.81 -22.88 18.02
CA ALA A 62 32.50 -22.36 19.19
C ALA A 62 33.35 -23.43 19.87
N LYS A 63 32.89 -24.68 19.83
CA LYS A 63 33.67 -25.75 20.45
C LYS A 63 34.96 -26.00 19.68
N GLU A 64 34.89 -26.02 18.35
CA GLU A 64 36.08 -26.25 17.54
C GLU A 64 37.12 -25.16 17.79
N ALA A 65 36.69 -23.92 17.94
CA ALA A 65 37.58 -22.80 18.19
C ALA A 65 37.90 -22.62 19.66
N ASN A 66 37.30 -23.43 20.55
CA ASN A 66 37.57 -23.38 21.98
C ASN A 66 37.16 -22.04 22.58
N VAL A 67 35.96 -21.59 22.22
CA VAL A 67 35.41 -20.34 22.73
C VAL A 67 33.96 -20.55 23.12
N PRO A 68 33.33 -19.61 23.84
CA PRO A 68 31.90 -19.74 24.15
C PRO A 68 31.02 -19.20 23.04
N VAL A 69 29.77 -19.65 23.07
CA VAL A 69 28.74 -19.15 22.17
C VAL A 69 27.87 -18.17 22.92
N VAL A 70 27.52 -17.06 22.26
CA VAL A 70 26.60 -16.07 22.81
C VAL A 70 25.49 -15.86 21.80
N VAL A 71 24.37 -15.34 22.29
CA VAL A 71 23.20 -15.03 21.47
C VAL A 71 22.92 -13.54 21.56
N VAL A 72 22.65 -12.93 20.42
CA VAL A 72 22.30 -11.51 20.35
C VAL A 72 20.99 -11.38 19.58
N PHE A 73 20.12 -10.50 20.06
CA PHE A 73 18.85 -10.21 19.42
C PHE A 73 18.69 -8.69 19.36
N CYS A 74 18.28 -8.18 18.21
CA CYS A 74 18.08 -6.75 18.03
C CYS A 74 16.61 -6.48 17.78
N LEU A 75 15.99 -5.74 18.68
CA LEU A 75 14.59 -5.34 18.52
C LEU A 75 14.54 -4.03 17.74
N THR A 76 13.95 -4.09 16.56
CA THR A 76 13.79 -2.93 15.69
C THR A 76 12.55 -2.12 16.08
N ASP A 77 12.49 -0.90 15.55
CA ASP A 77 11.30 -0.06 15.68
C ASP A 77 10.14 -0.56 14.82
N GLU A 78 10.34 -1.60 14.01
CA GLU A 78 9.29 -2.12 13.15
C GLU A 78 8.14 -2.75 13.91
N PHE A 79 8.23 -2.85 15.25
CA PHE A 79 7.11 -3.39 16.02
C PHE A 79 5.95 -2.40 16.04
N LEU A 80 6.26 -1.10 16.01
CA LEU A 80 5.22 -0.08 16.07
C LEU A 80 4.27 -0.17 14.89
N GLU A 81 4.71 -0.73 13.76
CA GLU A 81 3.81 -0.83 12.61
C GLU A 81 2.77 -1.92 12.81
N ALA A 82 3.03 -2.87 13.73
CA ALA A 82 2.06 -3.89 14.07
C ALA A 82 1.36 -3.43 15.35
N GLY A 83 1.02 -4.37 16.24
CA GLY A 83 0.30 -4.04 17.46
C GLY A 83 0.96 -4.61 18.69
N ILE A 84 0.31 -4.39 19.83
CA ILE A 84 0.78 -4.96 21.09
CA ILE A 84 0.82 -4.96 21.07
C ILE A 84 0.75 -6.48 21.02
N ARG A 85 -0.28 -7.03 20.36
CA ARG A 85 -0.50 -8.47 20.41
C ARG A 85 0.72 -9.24 19.92
N GLN A 86 1.36 -8.76 18.84
CA GLN A 86 2.58 -9.39 18.38
C GLN A 86 3.76 -9.04 19.28
N TYR A 87 3.79 -7.81 19.77
CA TYR A 87 4.89 -7.37 20.62
C TYR A 87 4.94 -8.17 21.92
N GLU A 88 3.79 -8.34 22.58
CA GLU A 88 3.74 -9.07 23.84
C GLU A 88 3.99 -10.56 23.63
N PHE A 89 3.48 -11.12 22.54
CA PHE A 89 3.70 -12.54 22.26
C PHE A 89 5.17 -12.83 22.08
N MET A 90 5.88 -11.99 21.32
CA MET A 90 7.30 -12.20 21.11
C MET A 90 8.08 -11.97 22.41
N LEU A 91 7.80 -10.87 23.10
CA LEU A 91 8.58 -10.51 24.28
C LEU A 91 8.39 -11.53 25.40
N LYS A 92 7.14 -11.92 25.66
CA LYS A 92 6.90 -12.92 26.70
C LYS A 92 7.65 -14.20 26.38
N GLY A 93 7.60 -14.64 25.13
CA GLY A 93 8.36 -15.81 24.74
C GLY A 93 9.85 -15.61 24.93
N LEU A 94 10.33 -14.39 24.64
CA LEU A 94 11.76 -14.12 24.76
C LEU A 94 12.22 -14.10 26.21
N GLN A 95 11.34 -13.69 27.13
CA GLN A 95 11.67 -13.76 28.55
C GLN A 95 11.86 -15.21 28.97
N GLU A 96 11.03 -16.11 28.44
CA GLU A 96 11.20 -17.53 28.71
C GLU A 96 12.49 -18.05 28.10
N LEU A 97 12.81 -17.62 26.87
CA LEU A 97 14.01 -18.09 26.21
C LEU A 97 15.28 -17.62 26.93
N GLU A 98 15.27 -16.40 27.45
CA GLU A 98 16.42 -15.89 28.18
C GLU A 98 16.82 -16.82 29.31
N VAL A 99 15.82 -17.37 30.01
CA VAL A 99 16.09 -18.30 31.10
C VAL A 99 16.64 -19.61 30.56
N SER A 100 16.02 -20.14 29.50
CA SER A 100 16.44 -21.42 28.95
C SER A 100 17.91 -21.39 28.54
N LEU A 101 18.32 -20.31 27.87
CA LEU A 101 19.74 -20.19 27.48
C LEU A 101 20.63 -20.03 28.71
N SER A 102 20.14 -19.32 29.74
CA SER A 102 20.91 -19.15 30.95
C SER A 102 21.25 -20.50 31.58
N ARG A 103 20.27 -21.41 31.63
CA ARG A 103 20.52 -22.74 32.17
C ARG A 103 21.64 -23.44 31.42
N LYS A 104 21.78 -23.18 30.12
CA LYS A 104 22.85 -23.73 29.32
C LYS A 104 24.10 -22.86 29.32
N LYS A 105 24.18 -21.89 30.24
CA LYS A 105 25.34 -21.01 30.35
C LYS A 105 25.64 -20.27 29.05
N ILE A 106 24.59 -19.94 28.28
CA ILE A 106 24.74 -19.18 27.05
C ILE A 106 24.16 -17.79 27.29
N PRO A 107 24.98 -16.74 27.36
CA PRO A 107 24.43 -15.41 27.61
C PRO A 107 23.72 -14.86 26.39
N SER A 108 22.68 -14.06 26.64
CA SER A 108 21.86 -13.50 25.57
C SER A 108 21.77 -12.00 25.74
N PHE A 109 22.13 -11.28 24.69
CA PHE A 109 22.14 -9.82 24.68
C PHE A 109 21.03 -9.32 23.77
N PHE A 110 20.23 -8.40 24.29
CA PHE A 110 19.08 -7.86 23.58
C PHE A 110 19.36 -6.40 23.25
N LEU A 111 19.48 -6.10 21.96
CA LEU A 111 19.77 -4.75 21.48
C LEU A 111 18.50 -4.07 20.97
N ARG A 112 18.58 -2.75 20.87
CA ARG A 112 17.47 -1.92 20.41
C ARG A 112 17.99 -0.97 19.33
N GLY A 113 17.37 -1.02 18.14
CA GLY A 113 17.71 -0.12 17.07
C GLY A 113 17.85 -0.87 15.76
N ASP A 114 18.53 -0.24 14.80
CA ASP A 114 18.72 -0.83 13.49
C ASP A 114 19.76 -1.94 13.53
N PRO A 115 19.40 -3.17 13.15
CA PRO A 115 20.39 -4.26 13.24
C PRO A 115 21.64 -4.01 12.42
N GLY A 116 21.54 -3.31 11.29
CA GLY A 116 22.73 -3.05 10.50
C GLY A 116 23.84 -2.38 11.29
N GLU A 117 23.49 -1.41 12.12
CA GLU A 117 24.49 -0.69 12.91
C GLU A 117 24.82 -1.39 14.23
N LYS A 118 23.80 -1.91 14.90
CA LYS A 118 23.97 -2.43 16.25
C LYS A 118 24.73 -3.75 16.26
N ILE A 119 24.41 -4.63 15.33
CA ILE A 119 25.09 -5.91 15.24
C ILE A 119 26.52 -5.70 14.81
N SER A 120 26.76 -4.83 13.82
CA SER A 120 28.13 -4.45 13.47
C SER A 120 28.87 -3.97 14.71
N ARG A 121 28.24 -3.08 15.48
CA ARG A 121 28.90 -2.54 16.66
C ARG A 121 29.09 -3.62 17.71
N PHE A 122 28.12 -4.53 17.83
CA PHE A 122 28.21 -5.59 18.84
C PHE A 122 29.38 -6.51 18.57
N VAL A 123 29.66 -6.81 17.30
CA VAL A 123 30.76 -7.71 16.97
C VAL A 123 32.10 -7.01 17.21
N LYS A 124 32.17 -5.70 16.98
CA LYS A 124 33.43 -4.99 17.17
C LYS A 124 33.71 -4.74 18.65
N ASP A 125 32.69 -4.36 19.42
CA ASP A 125 32.92 -4.00 20.82
C ASP A 125 33.22 -5.23 21.67
N TYR A 126 32.62 -6.37 21.35
CA TYR A 126 32.81 -7.58 22.12
C TYR A 126 33.79 -8.54 21.46
N ASN A 127 34.46 -8.11 20.39
CA ASN A 127 35.58 -8.86 19.80
C ASN A 127 35.16 -10.27 19.42
N ALA A 128 34.07 -10.37 18.66
CA ALA A 128 33.54 -11.66 18.25
C ALA A 128 34.46 -12.33 17.23
N GLY A 129 34.55 -13.65 17.32
CA GLY A 129 35.38 -14.41 16.40
C GLY A 129 34.65 -14.83 15.14
N THR A 130 33.38 -15.21 15.28
CA THR A 130 32.55 -15.60 14.17
C THR A 130 31.13 -15.12 14.43
N LEU A 131 30.43 -14.79 13.35
CA LEU A 131 29.03 -14.36 13.41
C LEU A 131 28.18 -15.35 12.64
N VAL A 132 27.05 -15.73 13.23
CA VAL A 132 26.09 -16.65 12.62
C VAL A 132 24.70 -16.04 12.77
N THR A 133 23.86 -16.20 11.75
CA THR A 133 22.47 -15.82 11.81
C THR A 133 21.64 -16.94 11.21
N ASP A 134 20.32 -16.89 11.43
CA ASP A 134 19.40 -17.83 10.81
C ASP A 134 18.85 -17.25 9.52
N PHE A 135 17.97 -17.99 8.86
CA PHE A 135 17.55 -17.69 7.49
C PHE A 135 16.12 -17.16 7.44
N SER A 136 15.93 -16.04 6.74
CA SER A 136 14.62 -15.52 6.41
C SER A 136 14.69 -15.04 4.97
N PRO A 137 13.69 -15.35 4.15
CA PRO A 137 13.69 -14.87 2.76
C PRO A 137 13.15 -13.46 2.58
N LEU A 138 12.80 -12.77 3.66
CA LEU A 138 12.18 -11.45 3.56
C LEU A 138 13.22 -10.39 3.23
N ARG A 139 12.74 -9.34 2.56
CA ARG A 139 13.64 -8.31 2.04
C ARG A 139 14.45 -7.66 3.16
N ILE A 140 13.80 -7.32 4.28
CA ILE A 140 14.46 -6.49 5.27
C ILE A 140 15.61 -7.23 5.92
N LYS A 141 15.49 -8.55 6.09
CA LYS A 141 16.61 -9.31 6.63
C LYS A 141 17.82 -9.24 5.71
N ASN A 142 17.59 -9.33 4.39
CA ASN A 142 18.70 -9.20 3.45
C ASN A 142 19.34 -7.82 3.52
N GLN A 143 18.51 -6.80 3.73
CA GLN A 143 19.03 -5.44 3.89
C GLN A 143 19.96 -5.37 5.10
N TRP A 144 19.46 -5.79 6.26
CA TRP A 144 20.28 -5.80 7.47
C TRP A 144 21.57 -6.57 7.26
N ILE A 145 21.50 -7.73 6.61
CA ILE A 145 22.70 -8.56 6.43
C ILE A 145 23.73 -7.81 5.61
N GLU A 146 23.30 -7.14 4.53
CA GLU A 146 24.25 -6.44 3.68
C GLU A 146 24.93 -5.30 4.43
N LYS A 147 24.18 -4.60 5.29
CA LYS A 147 24.78 -3.56 6.11
C LYS A 147 25.78 -4.16 7.08
N VAL A 148 25.44 -5.28 7.70
CA VAL A 148 26.35 -5.93 8.65
C VAL A 148 27.61 -6.35 7.94
N ILE A 149 27.47 -6.98 6.76
CA ILE A 149 28.64 -7.43 6.01
C ILE A 149 29.61 -6.27 5.79
N SER A 150 29.09 -5.10 5.40
CA SER A 150 29.95 -3.96 5.14
C SER A 150 30.55 -3.38 6.41
N GLY A 151 30.10 -3.81 7.59
CA GLY A 151 30.59 -3.30 8.84
C GLY A 151 31.41 -4.24 9.73
N ILE A 152 31.83 -5.41 9.18
CA ILE A 152 32.55 -6.40 9.97
C ILE A 152 33.67 -6.97 9.11
N SER A 153 34.62 -7.66 9.77
CA SER A 153 35.72 -8.31 9.09
C SER A 153 35.89 -9.78 9.49
N ILE A 154 35.03 -10.30 10.35
CA ILE A 154 35.08 -11.70 10.75
C ILE A 154 34.17 -12.48 9.83
N PRO A 155 34.33 -13.80 9.71
CA PRO A 155 33.45 -14.56 8.82
C PRO A 155 31.99 -14.45 9.25
N PHE A 156 31.09 -14.58 8.27
CA PHE A 156 29.66 -14.42 8.49
C PHE A 156 28.96 -15.61 7.85
N PHE A 157 28.22 -16.36 8.66
CA PHE A 157 27.55 -17.56 8.20
C PHE A 157 26.04 -17.40 8.33
N GLU A 158 25.32 -18.19 7.56
CA GLU A 158 23.87 -18.26 7.62
C GLU A 158 23.44 -19.71 7.68
N VAL A 159 22.48 -20.00 8.56
CA VAL A 159 21.97 -21.35 8.75
C VAL A 159 20.46 -21.30 8.57
N ASP A 160 19.93 -22.24 7.78
CA ASP A 160 18.47 -22.38 7.68
C ASP A 160 18.01 -23.22 8.87
N ALA A 161 17.45 -22.56 9.87
CA ALA A 161 16.90 -23.23 11.04
C ALA A 161 15.38 -23.34 11.00
N HIS A 162 14.74 -22.88 9.93
CA HIS A 162 13.29 -22.82 9.84
C HIS A 162 12.66 -23.87 8.94
N ASN A 163 13.38 -24.33 7.91
CA ASN A 163 12.87 -25.33 6.98
C ASN A 163 13.58 -26.67 7.20
N VAL A 164 12.84 -27.76 6.97
CA VAL A 164 13.44 -29.08 7.08
C VAL A 164 14.53 -29.26 6.03
N VAL A 165 14.22 -28.94 4.79
CA VAL A 165 15.18 -28.92 3.69
C VAL A 165 15.61 -27.48 3.49
N PRO A 166 16.91 -27.17 3.49
CA PRO A 166 17.32 -25.76 3.33
C PRO A 166 16.73 -25.14 2.09
N CYS A 167 16.29 -23.89 2.23
CA CYS A 167 15.55 -23.23 1.15
C CYS A 167 16.35 -23.22 -0.15
N TRP A 168 17.66 -22.93 -0.06
CA TRP A 168 18.48 -22.91 -1.26
C TRP A 168 18.82 -24.30 -1.79
N GLU A 169 18.57 -25.35 -1.02
CA GLU A 169 18.83 -26.71 -1.47
C GLU A 169 17.60 -27.36 -2.10
N ALA A 170 16.41 -27.07 -1.57
CA ALA A 170 15.20 -27.71 -2.06
C ALA A 170 14.99 -27.41 -3.54
N SER A 171 15.25 -26.17 -3.95
CA SER A 171 15.15 -25.78 -5.33
C SER A 171 15.96 -24.51 -5.54
N GLN A 172 16.49 -24.37 -6.76
CA GLN A 172 17.29 -23.22 -7.15
C GLN A 172 16.49 -22.20 -7.93
N LYS A 173 15.16 -22.35 -7.97
CA LYS A 173 14.32 -21.51 -8.79
C LYS A 173 12.94 -21.40 -8.17
N HIS A 174 12.21 -20.36 -8.58
CA HIS A 174 10.81 -20.23 -8.22
C HIS A 174 10.04 -21.44 -8.72
N GLU A 175 9.21 -22.01 -7.86
CA GLU A 175 8.42 -23.18 -8.20
C GLU A 175 7.02 -22.72 -8.58
N TYR A 176 6.55 -23.15 -9.75
CA TYR A 176 5.26 -22.71 -10.24
C TYR A 176 4.12 -23.29 -9.41
N ALA A 177 4.26 -24.52 -8.91
CA ALA A 177 3.17 -25.17 -8.23
C ALA A 177 3.69 -26.17 -7.20
N ALA A 178 2.80 -26.57 -6.30
CA ALA A 178 3.16 -27.59 -5.31
C ALA A 178 3.40 -28.94 -5.97
N HIS A 179 2.75 -29.22 -7.09
CA HIS A 179 2.91 -30.52 -7.71
C HIS A 179 4.27 -30.66 -8.38
N THR A 180 4.92 -29.56 -8.73
CA THR A 180 6.30 -29.61 -9.20
C THR A 180 7.32 -29.50 -8.06
N PHE A 181 6.94 -28.88 -6.95
CA PHE A 181 7.86 -28.73 -5.82
C PHE A 181 7.85 -29.97 -4.92
N ARG A 182 6.68 -30.59 -4.73
CA ARG A 182 6.49 -31.74 -3.87
C ARG A 182 7.55 -32.81 -4.13
N PRO A 183 7.66 -33.33 -5.34
CA PRO A 183 8.66 -34.40 -5.56
C PRO A 183 10.09 -33.95 -5.28
N LYS A 184 10.43 -32.69 -5.54
CA LYS A 184 11.78 -32.22 -5.21
C LYS A 184 11.99 -32.21 -3.70
N LEU A 185 11.01 -31.70 -2.95
CA LEU A 185 11.15 -31.56 -1.50
C LEU A 185 11.16 -32.92 -0.83
N TYR A 186 10.18 -33.77 -1.17
CA TYR A 186 10.07 -35.06 -0.51
C TYR A 186 11.22 -35.98 -0.89
N ALA A 187 11.78 -35.83 -2.09
CA ALA A 187 12.95 -36.62 -2.44
C ALA A 187 14.13 -36.37 -1.51
N LEU A 188 14.17 -35.20 -0.87
CA LEU A 188 15.27 -34.83 0.00
C LEU A 188 14.99 -35.10 1.47
N LEU A 189 13.82 -35.64 1.80
CA LEU A 189 13.49 -35.86 3.20
C LEU A 189 14.39 -36.88 3.87
N PRO A 190 14.67 -38.03 3.26
CA PRO A 190 15.54 -39.02 3.93
C PRO A 190 16.89 -38.45 4.35
N GLU A 191 17.41 -37.46 3.61
CA GLU A 191 18.67 -36.84 4.00
C GLU A 191 18.48 -35.81 5.11
N PHE A 192 17.52 -34.89 4.94
CA PHE A 192 17.46 -33.71 5.79
C PHE A 192 16.49 -33.83 6.97
N LEU A 193 15.52 -34.74 6.91
CA LEU A 193 14.63 -34.98 8.04
C LEU A 193 15.32 -35.93 9.01
N GLU A 194 15.84 -35.38 10.10
CA GLU A 194 16.63 -36.15 11.05
C GLU A 194 16.42 -35.58 12.44
N GLU A 195 16.69 -36.41 13.44
CA GLU A 195 16.53 -35.98 14.82
C GLU A 195 17.52 -34.88 15.15
N PHE A 196 17.23 -34.15 16.22
CA PHE A 196 18.11 -33.07 16.62
C PHE A 196 19.10 -33.54 17.69
N PRO A 197 20.33 -33.07 17.66
CA PRO A 197 21.24 -33.28 18.79
C PRO A 197 20.92 -32.31 19.93
N GLU A 198 21.34 -32.71 21.13
CA GLU A 198 21.17 -31.86 22.30
C GLU A 198 22.09 -30.64 22.19
N LEU A 199 21.62 -29.52 22.70
CA LEU A 199 22.46 -28.33 22.79
C LEU A 199 23.41 -28.50 23.96
N GLU A 200 24.70 -28.55 23.68
CA GLU A 200 25.69 -28.68 24.73
C GLU A 200 25.91 -27.33 25.41
N PRO A 201 25.87 -27.27 26.73
CA PRO A 201 26.10 -25.99 27.40
C PRO A 201 27.52 -25.48 27.18
N ASN A 202 27.71 -24.19 27.47
CA ASN A 202 29.02 -23.59 27.42
C ASN A 202 29.88 -24.16 28.53
N SER A 203 31.14 -24.46 28.22
CA SER A 203 32.08 -24.88 29.25
C SER A 203 32.88 -23.70 29.79
N VAL A 204 33.19 -22.73 28.93
CA VAL A 204 33.81 -21.47 29.36
C VAL A 204 32.67 -20.47 29.53
N THR A 205 32.34 -20.13 30.77
CA THR A 205 31.24 -19.22 31.04
C THR A 205 31.57 -17.80 30.56
N LEU A 218 14.75 -6.46 29.97
CA LEU A 218 13.75 -6.81 28.97
C LEU A 218 12.39 -6.26 29.37
N SER A 219 12.01 -6.48 30.63
CA SER A 219 10.72 -6.00 31.11
C SER A 219 10.56 -4.50 30.90
N ASP A 220 11.67 -3.75 30.90
CA ASP A 220 11.61 -2.32 30.65
C ASP A 220 11.40 -2.02 29.17
N VAL A 221 11.93 -2.86 28.28
CA VAL A 221 11.64 -2.74 26.86
C VAL A 221 10.17 -3.01 26.61
N LEU A 222 9.59 -3.96 27.36
CA LEU A 222 8.20 -4.34 27.16
C LEU A 222 7.25 -3.23 27.59
N GLU A 223 7.53 -2.58 28.72
CA GLU A 223 6.68 -1.49 29.18
C GLU A 223 6.81 -0.27 28.28
N THR A 224 7.96 -0.07 27.64
CA THR A 224 8.13 1.06 26.76
C THR A 224 7.37 0.87 25.45
N GLY A 225 7.46 -0.31 24.86
CA GLY A 225 6.80 -0.55 23.59
C GLY A 225 5.29 -0.52 23.70
N VAL A 226 4.75 -1.00 24.82
CA VAL A 226 3.31 -0.99 25.03
C VAL A 226 2.79 0.44 25.18
N LYS A 227 3.51 1.26 25.95
CA LYS A 227 3.09 2.64 26.14
C LYS A 227 2.98 3.38 24.82
N ALA A 228 3.87 3.07 23.87
CA ALA A 228 3.84 3.70 22.56
C ALA A 228 2.75 3.11 21.65
N LEU A 229 2.41 1.85 21.84
CA LEU A 229 1.43 1.17 21.00
C LEU A 229 0.01 1.24 21.55
N LEU A 230 -0.21 1.90 22.69
CA LEU A 230 -1.51 1.92 23.32
C LEU A 230 -2.50 2.82 22.56
N PRO A 231 -2.06 3.97 22.04
CA PRO A 231 -2.98 4.80 21.25
C PRO A 231 -3.49 4.14 19.98
N GLU A 232 -2.79 3.14 19.45
CA GLU A 232 -3.18 2.47 18.22
C GLU A 232 -3.91 1.15 18.48
N ARG A 233 -4.36 0.92 19.70
CA ARG A 233 -4.98 -0.35 20.06
C ARG A 233 -6.36 -0.49 19.43
N ALA A 234 -6.71 -1.71 19.03
CA ALA A 234 -8.02 -2.02 18.49
C ALA A 234 -9.02 -2.07 19.64
N LEU A 235 -9.99 -1.14 19.62
CA LEU A 235 -10.95 -0.99 20.71
C LEU A 235 -12.38 -1.03 20.16
N LEU A 236 -13.29 -1.52 20.99
CA LEU A 236 -14.70 -1.64 20.62
C LEU A 236 -15.41 -0.31 20.82
N LYS A 237 -16.74 -0.32 20.78
CA LYS A 237 -17.53 0.87 21.03
C LYS A 237 -17.59 1.23 22.51
N ASN A 238 -17.33 0.26 23.39
CA ASN A 238 -17.29 0.49 24.83
C ASN A 238 -15.90 0.85 25.33
N LYS A 239 -15.01 1.26 24.42
CA LYS A 239 -13.62 1.58 24.73
C LYS A 239 -12.84 0.38 25.26
N ASP A 240 -13.39 -0.83 25.13
CA ASP A 240 -12.81 -2.09 25.59
C ASP A 240 -11.96 -2.70 24.49
N PRO A 241 -10.76 -3.22 24.79
CA PRO A 241 -9.90 -3.73 23.71
C PRO A 241 -10.48 -5.01 23.11
N LEU A 242 -10.24 -5.17 21.81
CA LEU A 242 -10.82 -6.32 21.10
C LEU A 242 -9.99 -7.58 21.27
N PHE A 243 -8.68 -7.45 21.48
CA PHE A 243 -7.82 -8.61 21.50
C PHE A 243 -8.03 -9.43 22.76
N GLU A 244 -8.15 -10.75 22.59
CA GLU A 244 -8.29 -11.70 23.69
C GLU A 244 -6.99 -12.47 23.82
N PRO A 245 -6.14 -12.16 24.82
CA PRO A 245 -4.79 -12.74 24.85
C PRO A 245 -4.71 -14.16 25.39
N TRP A 246 -5.81 -14.76 25.84
CA TRP A 246 -5.75 -16.05 26.51
C TRP A 246 -5.87 -17.24 25.57
N HIS A 247 -5.99 -17.02 24.27
CA HIS A 247 -6.11 -18.15 23.35
C HIS A 247 -4.78 -18.80 23.05
N PHE A 248 -3.68 -18.08 23.20
CA PHE A 248 -2.34 -18.59 22.87
C PHE A 248 -1.37 -18.07 23.91
N GLU A 249 -0.89 -18.95 24.76
CA GLU A 249 0.23 -18.61 25.63
C GLU A 249 1.51 -18.66 24.81
N PRO A 250 2.30 -17.60 24.78
CA PRO A 250 3.57 -17.66 24.05
C PRO A 250 4.61 -18.43 24.83
N GLY A 251 5.69 -18.80 24.11
CA GLY A 251 6.82 -19.45 24.74
C GLY A 251 7.16 -20.81 24.18
N GLU A 252 8.40 -21.26 24.41
CA GLU A 252 8.85 -22.54 23.91
C GLU A 252 8.12 -23.71 24.57
N LYS A 253 7.85 -23.61 25.87
CA LYS A 253 7.17 -24.72 26.57
C LYS A 253 5.72 -24.82 26.13
N ALA A 254 5.03 -23.69 26.00
CA ALA A 254 3.65 -23.71 25.54
C ALA A 254 3.54 -24.27 24.13
N ALA A 255 4.49 -23.91 23.25
CA ALA A 255 4.44 -24.41 21.88
C ALA A 255 4.44 -25.92 21.85
N LYS A 256 5.33 -26.55 22.62
CA LYS A 256 5.36 -28.00 22.69
C LYS A 256 4.05 -28.54 23.24
N LYS A 257 3.44 -27.82 24.19
CA LYS A 257 2.16 -28.26 24.73
C LYS A 257 1.06 -28.21 23.68
N VAL A 258 1.07 -27.18 22.84
CA VAL A 258 0.10 -27.09 21.74
C VAL A 258 0.32 -28.23 20.76
N MET A 259 1.59 -28.55 20.48
CA MET A 259 1.89 -29.65 19.56
C MET A 259 1.40 -30.98 20.10
N GLU A 260 1.59 -31.22 21.39
CA GLU A 260 1.20 -32.51 21.95
C GLU A 260 -0.31 -32.68 21.89
N SER A 261 -1.06 -31.66 22.30
CA SER A 261 -2.52 -31.79 22.27
C SER A 261 -3.04 -31.93 20.85
N PHE A 262 -2.33 -31.41 19.86
CA PHE A 262 -2.76 -31.59 18.48
C PHE A 262 -2.67 -33.07 18.09
N ILE A 263 -1.54 -33.71 18.38
CA ILE A 263 -1.40 -35.12 18.01
C ILE A 263 -2.39 -35.96 18.79
N ALA A 264 -2.61 -35.63 20.07
CA ALA A 264 -3.45 -36.48 20.90
C ALA A 264 -4.93 -36.27 20.61
N ASP A 265 -5.35 -35.04 20.38
CA ASP A 265 -6.77 -34.73 20.33
C ASP A 265 -7.28 -34.30 18.95
N ARG A 266 -6.43 -33.75 18.08
CA ARG A 266 -6.90 -33.13 16.86
C ARG A 266 -6.39 -33.78 15.58
N LEU A 267 -5.21 -34.39 15.58
CA LEU A 267 -4.65 -34.90 14.33
C LEU A 267 -5.59 -35.91 13.67
N ASP A 268 -6.22 -36.77 14.46
CA ASP A 268 -7.02 -37.85 13.87
C ASP A 268 -8.11 -37.30 12.96
N SER A 269 -8.73 -36.18 13.34
CA SER A 269 -9.84 -35.62 12.58
C SER A 269 -9.41 -34.51 11.63
N TYR A 270 -8.13 -34.18 11.59
CA TYR A 270 -7.64 -33.09 10.75
C TYR A 270 -8.05 -33.29 9.29
N GLY A 271 -7.78 -34.47 8.74
CA GLY A 271 -8.01 -34.68 7.33
C GLY A 271 -9.43 -34.38 6.90
N ALA A 272 -10.40 -34.67 7.77
CA ALA A 272 -11.80 -34.46 7.42
C ALA A 272 -12.32 -33.08 7.77
N LEU A 273 -11.86 -32.48 8.87
CA LEU A 273 -12.45 -31.24 9.38
C LEU A 273 -11.51 -30.04 9.33
N ARG A 274 -10.39 -30.14 8.62
CA ARG A 274 -9.44 -29.03 8.67
C ARG A 274 -10.03 -27.77 8.04
N ASN A 275 -10.94 -27.91 7.09
CA ASN A 275 -11.53 -26.76 6.41
C ASN A 275 -12.91 -26.41 6.95
N ASP A 276 -13.28 -26.93 8.13
CA ASP A 276 -14.53 -26.55 8.78
C ASP A 276 -14.19 -25.56 9.88
N PRO A 277 -14.41 -24.26 9.69
CA PRO A 277 -14.03 -23.29 10.72
C PRO A 277 -14.92 -23.28 11.95
N THR A 278 -15.99 -24.08 11.99
CA THR A 278 -16.75 -24.25 13.23
C THR A 278 -16.10 -25.28 14.16
N LYS A 279 -15.16 -26.07 13.65
CA LYS A 279 -14.45 -27.07 14.43
C LYS A 279 -13.01 -26.62 14.69
N ASN A 280 -12.57 -26.78 15.92
CA ASN A 280 -11.20 -26.40 16.33
C ASN A 280 -10.29 -27.60 16.11
N MET A 281 -10.00 -27.88 14.83
CA MET A 281 -9.24 -29.06 14.45
C MET A 281 -7.89 -28.75 13.85
N LEU A 282 -7.52 -27.48 13.73
CA LEU A 282 -6.18 -27.16 13.24
C LEU A 282 -5.16 -27.37 14.36
N SER A 283 -3.88 -27.39 13.98
CA SER A 283 -2.83 -27.56 14.97
C SER A 283 -2.73 -26.36 15.90
N ASN A 284 -3.05 -25.17 15.39
CA ASN A 284 -2.90 -23.92 16.15
C ASN A 284 -1.43 -23.65 16.47
N LEU A 285 -0.52 -24.09 15.60
CA LEU A 285 0.91 -23.93 15.84
C LEU A 285 1.50 -22.68 15.19
N SER A 286 0.76 -22.04 14.29
CA SER A 286 1.37 -21.02 13.44
C SER A 286 1.96 -19.83 14.20
N PRO A 287 1.37 -19.34 15.29
CA PRO A 287 2.03 -18.26 16.03
C PRO A 287 3.41 -18.66 16.53
N TYR A 288 3.52 -19.87 17.09
CA TYR A 288 4.81 -20.35 17.58
C TYR A 288 5.78 -20.61 16.43
N LEU A 289 5.29 -21.19 15.34
CA LEU A 289 6.16 -21.46 14.20
C LEU A 289 6.69 -20.17 13.59
N HIS A 290 5.86 -19.12 13.56
CA HIS A 290 6.26 -17.87 12.91
C HIS A 290 7.42 -17.21 13.66
N PHE A 291 7.29 -17.08 14.98
CA PHE A 291 8.35 -16.55 15.81
C PHE A 291 9.43 -17.59 16.10
N GLY A 292 9.31 -18.79 15.53
CA GLY A 292 10.32 -19.81 15.74
C GLY A 292 10.41 -20.34 17.15
N GLN A 293 9.33 -20.27 17.92
CA GLN A 293 9.34 -20.81 19.28
C GLN A 293 9.26 -22.34 19.29
N ILE A 294 8.79 -22.94 18.20
CA ILE A 294 8.87 -24.38 18.00
C ILE A 294 9.38 -24.64 16.59
N SER A 295 10.17 -25.70 16.45
CA SER A 295 10.72 -26.08 15.15
C SER A 295 9.69 -26.85 14.34
N SER A 296 9.56 -26.50 13.06
CA SER A 296 8.67 -27.24 12.18
C SER A 296 9.19 -28.66 11.93
N GLN A 297 10.51 -28.83 11.91
CA GLN A 297 11.08 -30.17 11.81
C GLN A 297 10.68 -31.01 13.01
N ARG A 298 10.66 -30.41 14.20
CA ARG A 298 10.22 -31.12 15.39
C ARG A 298 8.78 -31.59 15.23
N VAL A 299 7.88 -30.67 14.83
CA VAL A 299 6.50 -31.07 14.58
C VAL A 299 6.45 -32.24 13.61
N VAL A 300 7.23 -32.14 12.53
CA VAL A 300 7.23 -33.18 11.50
C VAL A 300 7.71 -34.51 12.07
N LEU A 301 8.79 -34.47 12.86
CA LEU A 301 9.29 -35.70 13.46
C LEU A 301 8.21 -36.39 14.28
N GLU A 302 7.52 -35.63 15.13
CA GLU A 302 6.54 -36.24 16.04
C GLU A 302 5.28 -36.68 15.32
N VAL A 303 4.87 -35.96 14.28
CA VAL A 303 3.65 -36.33 13.56
C VAL A 303 3.89 -37.60 12.74
N GLU A 304 5.07 -37.70 12.11
CA GLU A 304 5.39 -38.90 11.34
C GLU A 304 5.31 -40.14 12.21
N LYS A 305 5.82 -40.07 13.45
CA LYS A 305 5.85 -41.21 14.35
C LYS A 305 4.47 -41.52 14.96
N ALA A 306 3.56 -40.55 14.97
CA ALA A 306 2.23 -40.81 15.51
C ALA A 306 1.50 -41.82 14.65
N GLU A 307 0.79 -42.75 15.30
CA GLU A 307 -0.08 -43.68 14.59
C GLU A 307 -1.49 -43.10 14.61
N SER A 308 -1.84 -42.40 13.53
CA SER A 308 -3.11 -41.71 13.40
C SER A 308 -3.67 -41.99 12.01
N ASN A 309 -4.79 -41.35 11.70
CA ASN A 309 -5.40 -41.45 10.39
C ASN A 309 -4.36 -41.15 9.31
N PRO A 310 -4.04 -42.11 8.43
CA PRO A 310 -3.05 -41.83 7.38
C PRO A 310 -3.46 -40.66 6.51
N GLY A 311 -4.76 -40.48 6.25
CA GLY A 311 -5.19 -39.33 5.48
C GLY A 311 -4.94 -38.02 6.19
N SER A 312 -5.11 -38.00 7.51
CA SER A 312 -4.85 -36.79 8.27
C SER A 312 -3.36 -36.44 8.24
N LYS A 313 -2.51 -37.42 8.53
CA LYS A 313 -1.07 -37.17 8.52
C LYS A 313 -0.59 -36.67 7.16
N LYS A 314 -1.08 -37.28 6.08
CA LYS A 314 -0.68 -36.83 4.75
C LYS A 314 -1.13 -35.40 4.50
N ALA A 315 -2.34 -35.05 4.93
CA ALA A 315 -2.83 -33.69 4.74
C ALA A 315 -2.06 -32.70 5.59
N PHE A 316 -1.80 -33.03 6.86
CA PHE A 316 -1.08 -32.08 7.71
C PHE A 316 0.37 -31.94 7.28
N LEU A 317 1.05 -33.06 7.04
CA LEU A 317 2.43 -33.01 6.62
C LEU A 317 2.57 -32.26 5.29
N ASP A 318 1.57 -32.37 4.41
CA ASP A 318 1.61 -31.60 3.18
C ASP A 318 1.61 -30.11 3.46
N GLU A 319 0.82 -29.66 4.43
CA GLU A 319 0.71 -28.24 4.71
C GLU A 319 1.98 -27.69 5.35
N ILE A 320 2.49 -28.38 6.37
CA ILE A 320 3.66 -27.86 7.09
C ILE A 320 4.94 -28.07 6.32
N LEU A 321 4.98 -28.99 5.36
CA LEU A 321 6.18 -29.22 4.57
C LEU A 321 6.07 -28.53 3.23
N ILE A 322 5.18 -28.99 2.35
CA ILE A 322 5.14 -28.48 0.99
C ILE A 322 4.75 -27.00 1.00
N TRP A 323 3.62 -26.68 1.62
CA TRP A 323 3.06 -25.34 1.47
C TRP A 323 3.83 -24.30 2.27
N LYS A 324 4.32 -24.68 3.45
CA LYS A 324 5.12 -23.73 4.24
C LYS A 324 6.45 -23.43 3.55
N GLU A 325 7.12 -24.47 3.06
CA GLU A 325 8.45 -24.27 2.50
C GLU A 325 8.41 -23.76 1.06
N ILE A 326 7.27 -23.93 0.38
CA ILE A 326 7.12 -23.29 -0.92
C ILE A 326 6.81 -21.81 -0.76
N SER A 327 6.30 -21.40 0.40
CA SER A 327 6.17 -19.98 0.67
C SER A 327 7.54 -19.33 0.83
N ASP A 328 8.45 -20.00 1.55
CA ASP A 328 9.82 -19.52 1.64
C ASP A 328 10.45 -19.44 0.25
N ASN A 329 10.22 -20.46 -0.58
CA ASN A 329 10.72 -20.47 -1.93
C ASN A 329 10.19 -19.28 -2.72
N PHE A 330 8.90 -19.00 -2.60
CA PHE A 330 8.29 -17.89 -3.30
C PHE A 330 8.97 -16.57 -2.96
N CYS A 331 9.13 -16.28 -1.67
CA CYS A 331 9.73 -15.01 -1.28
C CYS A 331 11.23 -14.97 -1.60
N TYR A 332 11.89 -16.13 -1.56
CA TYR A 332 13.34 -16.15 -1.78
C TYR A 332 13.68 -15.84 -3.24
N TYR A 333 12.84 -16.28 -4.18
CA TYR A 333 13.11 -16.11 -5.60
C TYR A 333 12.25 -15.04 -6.27
N ASN A 334 11.37 -14.37 -5.51
CA ASN A 334 10.61 -13.23 -6.01
C ASN A 334 10.71 -12.10 -5.00
N PRO A 335 11.64 -11.17 -5.17
CA PRO A 335 11.76 -10.08 -4.18
C PRO A 335 10.55 -9.16 -4.16
N GLY A 336 9.72 -9.18 -5.18
CA GLY A 336 8.47 -8.45 -5.16
C GLY A 336 7.34 -9.35 -4.71
N TYR A 337 7.64 -10.22 -3.73
CA TYR A 337 6.67 -11.23 -3.32
C TYR A 337 5.38 -10.63 -2.76
N ASP A 338 5.39 -9.35 -2.40
CA ASP A 338 4.20 -8.69 -1.86
C ASP A 338 3.56 -7.75 -2.87
N GLY A 339 3.80 -7.94 -4.17
CA GLY A 339 3.34 -7.01 -5.16
C GLY A 339 2.71 -7.68 -6.35
N PHE A 340 1.92 -6.88 -7.08
CA PHE A 340 1.22 -7.34 -8.27
C PHE A 340 2.18 -7.94 -9.30
N GLU A 341 3.41 -7.44 -9.36
CA GLU A 341 4.34 -7.91 -10.38
C GLU A 341 4.64 -9.40 -10.24
N SER A 342 4.53 -9.93 -9.02
CA SER A 342 4.87 -11.32 -8.77
C SER A 342 3.80 -12.30 -9.22
N PHE A 343 2.61 -11.83 -9.59
CA PHE A 343 1.57 -12.76 -10.03
C PHE A 343 1.97 -13.38 -11.37
N PRO A 344 1.51 -14.61 -11.63
CA PRO A 344 1.77 -15.21 -12.96
C PRO A 344 1.14 -14.36 -14.06
N SER A 345 1.76 -14.39 -15.24
CA SER A 345 1.34 -13.48 -16.31
C SER A 345 -0.13 -13.62 -16.64
N TRP A 346 -0.65 -14.86 -16.68
CA TRP A 346 -2.06 -15.07 -16.99
C TRP A 346 -2.95 -14.35 -15.99
N ALA A 347 -2.56 -14.33 -14.72
CA ALA A 347 -3.36 -13.64 -13.71
C ALA A 347 -3.21 -12.13 -13.87
N LYS A 348 -2.01 -11.65 -14.21
CA LYS A 348 -1.85 -10.22 -14.43
C LYS A 348 -2.64 -9.78 -15.65
N GLU A 349 -2.66 -10.59 -16.71
CA GLU A 349 -3.39 -10.22 -17.91
C GLU A 349 -4.90 -10.24 -17.66
N SER A 350 -5.39 -11.25 -16.95
CA SER A 350 -6.82 -11.32 -16.64
C SER A 350 -7.25 -10.14 -15.77
N LEU A 351 -6.54 -9.90 -14.67
CA LEU A 351 -6.98 -8.86 -13.73
C LEU A 351 -6.91 -7.48 -14.37
N ASN A 352 -5.87 -7.22 -15.16
CA ASN A 352 -5.76 -5.93 -15.85
C ASN A 352 -6.97 -5.68 -16.73
N ALA A 353 -7.43 -6.71 -17.44
CA ALA A 353 -8.55 -6.54 -18.35
C ALA A 353 -9.82 -6.11 -17.63
N HIS A 354 -9.93 -6.42 -16.34
CA HIS A 354 -11.15 -6.18 -15.58
C HIS A 354 -11.01 -4.98 -14.65
N ARG A 355 -9.98 -4.15 -14.84
CA ARG A 355 -9.76 -3.04 -13.93
C ARG A 355 -10.91 -2.04 -13.95
N ASN A 356 -11.59 -1.90 -15.09
CA ASN A 356 -12.67 -0.92 -15.21
C ASN A 356 -14.05 -1.51 -14.93
N ASP A 357 -14.16 -2.81 -14.68
CA ASP A 357 -15.45 -3.38 -14.36
C ASP A 357 -16.00 -2.75 -13.09
N VAL A 358 -17.31 -2.51 -13.07
CA VAL A 358 -17.93 -2.03 -11.86
C VAL A 358 -17.91 -3.13 -10.81
N ARG A 359 -17.46 -2.80 -9.62
CA ARG A 359 -17.53 -3.71 -8.49
C ARG A 359 -18.91 -3.61 -7.85
N SER A 360 -19.43 -4.76 -7.41
CA SER A 360 -20.72 -4.73 -6.74
C SER A 360 -20.66 -3.93 -5.45
N HIS A 361 -19.50 -3.89 -4.80
CA HIS A 361 -19.31 -3.09 -3.60
C HIS A 361 -17.88 -2.57 -3.61
N ILE A 362 -17.69 -1.45 -2.92
CA ILE A 362 -16.38 -0.86 -2.70
C ILE A 362 -16.31 -0.50 -1.23
N TYR A 363 -15.35 -1.07 -0.51
CA TYR A 363 -15.12 -0.72 0.87
C TYR A 363 -13.71 -0.15 1.00
N THR A 364 -13.54 0.79 1.92
CA THR A 364 -12.23 1.30 2.22
C THR A 364 -11.51 0.37 3.20
N LEU A 365 -10.21 0.59 3.36
CA LEU A 365 -9.45 -0.18 4.33
C LEU A 365 -10.11 -0.12 5.70
N GLU A 366 -10.54 1.07 6.12
CA GLU A 366 -11.12 1.21 7.45
C GLU A 366 -12.42 0.44 7.57
N GLU A 367 -13.20 0.36 6.49
CA GLU A 367 -14.48 -0.35 6.54
C GLU A 367 -14.28 -1.86 6.56
N PHE A 368 -13.31 -2.37 5.80
CA PHE A 368 -12.89 -3.77 5.95
C PHE A 368 -12.40 -4.02 7.37
N GLU A 369 -11.53 -3.14 7.87
CA GLU A 369 -10.90 -3.35 9.17
C GLU A 369 -11.93 -3.49 10.28
N ALA A 370 -13.03 -2.75 10.19
CA ALA A 370 -14.05 -2.77 11.23
C ALA A 370 -15.14 -3.80 10.98
N GLY A 371 -15.07 -4.55 9.89
CA GLY A 371 -16.09 -5.52 9.59
C GLY A 371 -17.43 -4.91 9.19
N LYS A 372 -17.39 -3.80 8.47
CA LYS A 372 -18.60 -3.07 8.09
C LYS A 372 -18.98 -3.31 6.65
N THR A 373 -18.89 -4.55 6.18
CA THR A 373 -19.35 -4.93 4.85
C THR A 373 -20.77 -5.48 4.94
N HIS A 374 -21.34 -5.74 3.76
CA HIS A 374 -22.66 -6.36 3.66
C HIS A 374 -22.66 -7.85 3.96
N ASP A 375 -21.49 -8.48 4.05
CA ASP A 375 -21.41 -9.94 4.07
C ASP A 375 -21.13 -10.41 5.50
N PRO A 376 -22.10 -11.00 6.20
CA PRO A 376 -21.86 -11.38 7.60
C PRO A 376 -20.80 -12.44 7.76
N LEU A 377 -20.56 -13.27 6.75
CA LEU A 377 -19.48 -14.25 6.83
C LEU A 377 -18.12 -13.57 6.78
N TRP A 378 -17.92 -12.66 5.82
CA TRP A 378 -16.70 -11.85 5.82
C TRP A 378 -16.52 -11.15 7.16
N ASN A 379 -17.57 -10.47 7.64
CA ASN A 379 -17.48 -9.70 8.86
C ASN A 379 -17.09 -10.57 10.05
N ALA A 380 -17.61 -11.80 10.10
CA ALA A 380 -17.25 -12.70 11.19
C ALA A 380 -15.79 -13.11 11.10
N SER A 381 -15.30 -13.39 9.89
CA SER A 381 -13.90 -13.73 9.70
C SER A 381 -13.01 -12.60 10.19
N GLN A 382 -13.34 -11.36 9.83
CA GLN A 382 -12.54 -10.23 10.30
C GLN A 382 -12.65 -10.09 11.81
N MET A 383 -13.78 -10.48 12.38
CA MET A 383 -13.95 -10.39 13.83
C MET A 383 -13.17 -11.50 14.54
N GLU A 384 -13.11 -12.70 13.96
CA GLU A 384 -12.26 -13.74 14.54
C GLU A 384 -10.81 -13.28 14.55
N LEU A 385 -10.41 -12.55 13.50
CA LEU A 385 -9.05 -12.01 13.44
C LEU A 385 -8.84 -10.94 14.50
N LEU A 386 -9.79 -10.00 14.65
CA LEU A 386 -9.61 -8.92 15.61
C LEU A 386 -9.58 -9.45 17.04
N SER A 387 -10.41 -10.44 17.35
CA SER A 387 -10.54 -10.91 18.72
C SER A 387 -9.45 -11.91 19.11
N THR A 388 -9.16 -12.89 18.24
CA THR A 388 -8.23 -13.96 18.60
C THR A 388 -6.84 -13.76 18.04
N GLY A 389 -6.69 -12.97 16.98
CA GLY A 389 -5.41 -12.87 16.31
C GLY A 389 -5.04 -14.09 15.49
N LYS A 390 -6.03 -14.92 15.14
CA LYS A 390 -5.76 -16.13 14.35
C LYS A 390 -7.06 -16.53 13.62
N MET A 391 -7.21 -16.02 12.40
CA MET A 391 -8.37 -16.39 11.60
C MET A 391 -8.20 -17.81 11.06
N HIS A 392 -9.31 -18.55 11.01
CA HIS A 392 -9.25 -19.92 10.56
C HIS A 392 -8.71 -20.00 9.13
N GLY A 393 -7.90 -21.03 8.87
CA GLY A 393 -7.21 -21.13 7.60
C GLY A 393 -8.13 -21.15 6.40
N TYR A 394 -9.32 -21.74 6.54
CA TYR A 394 -10.22 -21.80 5.40
C TYR A 394 -10.82 -20.43 5.11
N THR A 395 -11.28 -19.75 6.15
CA THR A 395 -11.92 -18.45 5.95
C THR A 395 -10.93 -17.38 5.52
N ARG A 396 -9.63 -17.63 5.69
CA ARG A 396 -8.66 -16.64 5.23
C ARG A 396 -8.67 -16.51 3.71
N MET A 397 -8.92 -17.61 3.01
CA MET A 397 -9.06 -17.56 1.56
C MET A 397 -10.29 -16.74 1.18
N TYR A 398 -11.44 -17.09 1.74
CA TYR A 398 -12.67 -16.34 1.47
C TYR A 398 -12.46 -14.86 1.79
N TRP A 399 -11.80 -14.58 2.92
CA TRP A 399 -11.58 -13.21 3.37
C TRP A 399 -10.79 -12.40 2.35
N ALA A 400 -9.68 -12.94 1.87
CA ALA A 400 -8.83 -12.17 0.96
C ALA A 400 -9.41 -12.08 -0.44
N LYS A 401 -10.19 -13.08 -0.87
CA LYS A 401 -10.76 -13.03 -2.21
C LYS A 401 -11.90 -12.01 -2.28
N LYS A 402 -12.66 -11.84 -1.21
CA LYS A 402 -13.68 -10.81 -1.18
C LYS A 402 -13.07 -9.41 -1.08
N ILE A 403 -11.89 -9.30 -0.48
CA ILE A 403 -11.19 -8.01 -0.50
C ILE A 403 -10.89 -7.61 -1.94
N LEU A 404 -10.45 -8.56 -2.77
CA LEU A 404 -10.26 -8.29 -4.19
C LEU A 404 -11.60 -8.01 -4.87
N GLU A 405 -12.63 -8.79 -4.55
CA GLU A 405 -13.93 -8.63 -5.18
C GLU A 405 -14.54 -7.26 -4.90
N TRP A 406 -14.27 -6.68 -3.74
CA TRP A 406 -14.96 -5.46 -3.30
C TRP A 406 -13.98 -4.32 -3.09
N SER A 407 -12.95 -4.24 -3.93
CA SER A 407 -11.96 -3.18 -3.86
CA SER A 407 -11.95 -3.18 -3.87
C SER A 407 -11.88 -2.44 -5.20
N GLU A 408 -11.24 -1.27 -5.15
CA GLU A 408 -11.16 -0.42 -6.32
C GLU A 408 -10.27 -1.02 -7.41
N SER A 409 -9.22 -1.73 -7.02
CA SER A 409 -8.26 -2.25 -7.98
C SER A 409 -7.51 -3.41 -7.35
N PRO A 410 -6.90 -4.27 -8.16
CA PRO A 410 -6.11 -5.37 -7.57
C PRO A 410 -5.00 -4.89 -6.65
N GLU A 411 -4.31 -3.81 -6.99
CA GLU A 411 -3.21 -3.34 -6.13
C GLU A 411 -3.72 -2.93 -4.77
N LYS A 412 -4.84 -2.20 -4.73
CA LYS A 412 -5.38 -1.74 -3.46
CA LYS A 412 -5.39 -1.75 -3.46
C LYS A 412 -5.90 -2.91 -2.63
N ALA A 413 -6.38 -3.97 -3.27
CA ALA A 413 -6.77 -5.16 -2.52
C ALA A 413 -5.55 -5.81 -1.87
N LEU A 414 -4.45 -5.90 -2.62
CA LEU A 414 -3.21 -6.42 -2.06
C LEU A 414 -2.77 -5.57 -0.86
N GLU A 415 -2.87 -4.25 -0.98
CA GLU A 415 -2.52 -3.39 0.14
C GLU A 415 -3.40 -3.68 1.35
N ILE A 416 -4.72 -3.73 1.14
CA ILE A 416 -5.65 -3.92 2.25
C ILE A 416 -5.41 -5.27 2.93
N ALA A 417 -5.27 -6.34 2.15
CA ALA A 417 -5.10 -7.66 2.72
C ALA A 417 -3.79 -7.77 3.48
N ILE A 418 -2.69 -7.33 2.87
CA ILE A 418 -1.39 -7.36 3.53
C ILE A 418 -1.44 -6.53 4.80
N CYS A 419 -2.07 -5.36 4.72
CA CYS A 419 -2.13 -4.47 5.88
C CYS A 419 -2.83 -5.16 7.06
N LEU A 420 -4.02 -5.71 6.83
CA LEU A 420 -4.79 -6.28 7.93
C LEU A 420 -4.17 -7.58 8.42
N ASN A 421 -3.60 -8.39 7.51
CA ASN A 421 -2.93 -9.61 7.89
C ASN A 421 -1.78 -9.34 8.84
N ASP A 422 -0.89 -8.43 8.45
CA ASP A 422 0.31 -8.17 9.24
C ASP A 422 0.00 -7.37 10.50
N ARG A 423 -1.08 -6.60 10.50
CA ARG A 423 -1.42 -5.82 11.67
C ARG A 423 -2.04 -6.70 12.76
N TYR A 424 -2.85 -7.68 12.37
CA TYR A 424 -3.70 -8.37 13.31
C TYR A 424 -3.44 -9.86 13.43
N GLU A 425 -2.89 -10.52 12.43
CA GLU A 425 -2.55 -11.93 12.57
C GLU A 425 -1.31 -12.07 13.45
N LEU A 426 -1.41 -12.94 14.46
CA LEU A 426 -0.23 -13.24 15.27
C LEU A 426 0.88 -13.84 14.41
N ASP A 427 0.50 -14.66 13.42
CA ASP A 427 1.47 -15.29 12.52
C ASP A 427 1.82 -14.42 11.31
N GLY A 428 1.50 -13.13 11.34
CA GLY A 428 1.67 -12.26 10.20
C GLY A 428 3.10 -11.81 9.97
N ARG A 429 3.27 -10.99 8.93
CA ARG A 429 4.60 -10.59 8.47
C ARG A 429 5.45 -11.83 8.24
N ASP A 430 4.89 -12.78 7.48
CA ASP A 430 5.46 -14.09 7.31
C ASP A 430 5.40 -14.51 5.85
N PRO A 431 6.44 -15.17 5.34
CA PRO A 431 6.35 -15.72 3.98
C PRO A 431 5.05 -16.45 3.69
N ASN A 432 4.48 -17.16 4.67
CA ASN A 432 3.21 -17.84 4.46
C ASN A 432 2.09 -16.86 4.15
N GLY A 433 2.13 -15.67 4.75
CA GLY A 433 1.06 -14.71 4.53
C GLY A 433 1.12 -14.08 3.16
N TYR A 434 2.32 -13.69 2.74
CA TYR A 434 2.47 -13.14 1.39
C TYR A 434 2.14 -14.17 0.33
N ALA A 435 2.58 -15.42 0.53
CA ALA A 435 2.26 -16.46 -0.44
C ALA A 435 0.78 -16.82 -0.42
N GLY A 436 0.16 -16.80 0.77
CA GLY A 436 -1.26 -17.12 0.86
C GLY A 436 -2.13 -16.02 0.30
N ILE A 437 -1.74 -14.76 0.53
CA ILE A 437 -2.48 -13.66 -0.07
C ILE A 437 -2.25 -13.64 -1.57
N ALA A 438 -1.02 -13.89 -2.01
CA ALA A 438 -0.75 -13.89 -3.44
C ALA A 438 -1.46 -15.06 -4.12
N TRP A 439 -1.65 -16.18 -3.40
CA TRP A 439 -2.46 -17.26 -3.95
C TRP A 439 -3.91 -16.84 -4.11
N SER A 440 -4.44 -16.10 -3.13
CA SER A 440 -5.86 -15.78 -3.11
C SER A 440 -6.22 -14.68 -4.10
N ILE A 441 -5.35 -13.68 -4.23
CA ILE A 441 -5.65 -12.49 -5.01
C ILE A 441 -5.01 -12.57 -6.39
N GLY A 442 -3.83 -13.19 -6.48
CA GLY A 442 -3.08 -13.18 -7.72
C GLY A 442 -2.84 -14.53 -8.37
N GLY A 443 -3.42 -15.59 -7.82
CA GLY A 443 -3.28 -16.90 -8.41
C GLY A 443 -1.90 -17.51 -8.34
N VAL A 444 -1.01 -17.00 -7.47
CA VAL A 444 0.30 -17.62 -7.30
C VAL A 444 0.11 -19.02 -6.73
N HIS A 445 0.76 -20.00 -7.36
CA HIS A 445 0.68 -21.41 -6.98
C HIS A 445 -0.71 -22.00 -7.19
N ASP A 446 -1.54 -21.35 -7.98
CA ASP A 446 -2.86 -21.84 -8.37
C ASP A 446 -2.90 -21.91 -9.90
N ARG A 447 -4.09 -22.16 -10.43
CA ARG A 447 -4.33 -22.18 -11.87
C ARG A 447 -5.55 -21.30 -12.19
N ALA A 448 -5.83 -21.18 -13.48
CA ALA A 448 -6.93 -20.34 -13.93
C ALA A 448 -8.26 -21.10 -13.86
N TRP A 449 -9.32 -20.35 -13.57
CA TRP A 449 -10.66 -20.87 -13.42
C TRP A 449 -11.60 -20.04 -14.30
N GLY A 450 -12.88 -20.39 -14.26
CA GLY A 450 -13.90 -19.75 -15.07
C GLY A 450 -13.86 -18.23 -15.07
N GLU A 451 -14.10 -17.65 -16.24
CA GLU A 451 -14.04 -16.21 -16.41
C GLU A 451 -15.21 -15.52 -15.70
N ARG A 452 -14.90 -14.49 -14.90
CA ARG A 452 -15.92 -13.71 -14.22
C ARG A 452 -15.64 -12.22 -14.34
N GLU A 453 -16.66 -11.42 -14.05
CA GLU A 453 -16.46 -9.98 -13.94
C GLU A 453 -15.58 -9.67 -12.73
N VAL A 454 -14.81 -8.59 -12.85
CA VAL A 454 -13.98 -8.02 -11.79
C VAL A 454 -12.77 -8.89 -11.50
N THR A 455 -12.99 -10.12 -11.02
CA THR A 455 -11.91 -11.00 -10.60
C THR A 455 -11.37 -11.88 -11.73
N GLY A 456 -11.89 -11.76 -12.94
CA GLY A 456 -11.31 -12.46 -14.07
C GLY A 456 -11.26 -13.96 -13.87
N LYS A 457 -10.09 -14.56 -14.12
CA LYS A 457 -9.90 -16.00 -14.02
C LYS A 457 -9.29 -16.43 -12.70
N ILE A 458 -9.27 -15.56 -11.68
CA ILE A 458 -8.85 -15.97 -10.35
C ILE A 458 -9.92 -16.85 -9.73
N ARG A 459 -9.50 -17.85 -8.96
CA ARG A 459 -10.44 -18.79 -8.36
C ARG A 459 -11.46 -18.06 -7.50
N TYR A 460 -12.73 -18.40 -7.69
CA TYR A 460 -13.86 -17.80 -7.01
C TYR A 460 -14.29 -18.66 -5.84
N MET A 461 -14.73 -18.01 -4.76
CA MET A 461 -15.33 -18.66 -3.61
C MET A 461 -16.57 -17.88 -3.19
N SER A 462 -17.64 -18.58 -2.87
CA SER A 462 -18.94 -17.96 -2.67
C SER A 462 -19.48 -18.24 -1.28
N TYR A 463 -20.44 -17.39 -0.87
CA TYR A 463 -21.15 -17.59 0.38
C TYR A 463 -21.94 -18.90 0.35
N GLU A 464 -22.64 -19.15 -0.76
CA GLU A 464 -23.40 -20.39 -0.88
C GLU A 464 -22.47 -21.60 -0.96
N GLY A 465 -21.30 -21.45 -1.55
CA GLY A 465 -20.33 -22.53 -1.52
C GLY A 465 -19.95 -22.90 -0.10
N CYS A 466 -19.85 -21.90 0.78
CA CYS A 466 -19.51 -22.16 2.17
C CYS A 466 -20.68 -22.79 2.92
N LYS A 467 -21.91 -22.38 2.59
CA LYS A 467 -23.07 -22.94 3.27
C LYS A 467 -23.17 -24.44 3.05
N ARG A 468 -22.76 -24.92 1.89
CA ARG A 468 -22.82 -26.34 1.60
C ARG A 468 -21.65 -27.11 2.18
N LYS A 469 -20.70 -26.43 2.83
CA LYS A 469 -19.51 -27.07 3.37
C LYS A 469 -19.47 -27.09 4.89
N PHE A 470 -20.05 -26.10 5.56
CA PHE A 470 -20.05 -26.05 7.01
C PHE A 470 -21.16 -25.11 7.47
N ASP A 471 -21.36 -25.09 8.78
CA ASP A 471 -22.47 -24.34 9.37
C ASP A 471 -22.06 -22.87 9.45
N VAL A 472 -22.31 -22.15 8.36
CA VAL A 472 -21.92 -20.74 8.28
C VAL A 472 -22.62 -19.93 9.37
N LYS A 473 -23.90 -20.22 9.63
CA LYS A 473 -24.62 -19.46 10.64
C LYS A 473 -23.99 -19.61 12.03
N LEU A 474 -23.46 -20.80 12.32
CA LEU A 474 -22.79 -21.03 13.60
C LEU A 474 -21.50 -20.23 13.70
N TYR A 475 -20.71 -20.24 12.64
CA TYR A 475 -19.50 -19.41 12.58
C TYR A 475 -19.86 -17.94 12.78
N ILE A 476 -20.89 -17.47 12.08
CA ILE A 476 -21.28 -16.07 12.19
C ILE A 476 -21.69 -15.74 13.62
N GLU A 477 -22.39 -16.65 14.29
CA GLU A 477 -22.91 -16.36 15.61
C GLU A 477 -21.81 -16.37 16.67
N LYS A 478 -20.81 -17.24 16.53
CA LYS A 478 -19.72 -17.25 17.51
C LYS A 478 -19.00 -15.91 17.53
N TYR A 479 -18.85 -15.28 16.37
CA TYR A 479 -18.09 -14.05 16.25
C TYR A 479 -19.00 -12.86 15.94
N SER A 480 -20.24 -12.91 16.44
CA SER A 480 -21.20 -11.83 16.26
C SER A 480 -21.40 -11.53 14.79
N HIS B 20 -23.42 28.75 -28.13
CA HIS B 20 -22.02 29.10 -27.88
C HIS B 20 -21.30 27.98 -27.14
N MET B 21 -21.65 26.74 -27.48
CA MET B 21 -21.13 25.55 -26.80
C MET B 21 -20.66 24.57 -27.85
N ASN B 22 -19.36 24.32 -27.90
CA ASN B 22 -18.85 23.30 -28.80
C ASN B 22 -19.39 21.93 -28.34
N PRO B 23 -20.16 21.23 -29.16
CA PRO B 23 -20.76 19.97 -28.70
C PRO B 23 -19.76 18.87 -28.46
N LYS B 24 -18.50 19.02 -28.86
CA LYS B 24 -17.50 18.00 -28.60
C LYS B 24 -17.12 17.94 -27.12
N ARG B 25 -17.48 18.95 -26.33
CA ARG B 25 -17.25 18.94 -24.89
C ARG B 25 -18.20 18.00 -24.17
N ILE B 26 -19.12 17.37 -24.89
CA ILE B 26 -20.21 16.60 -24.30
C ILE B 26 -20.13 15.16 -24.76
N ARG B 27 -20.47 14.24 -23.86
CA ARG B 27 -20.59 12.84 -24.21
C ARG B 27 -21.82 12.27 -23.56
N ALA B 28 -22.50 11.38 -24.27
CA ALA B 28 -23.67 10.70 -23.75
C ALA B 28 -23.22 9.43 -23.05
N LEU B 29 -23.60 9.28 -21.78
CA LEU B 29 -23.32 8.06 -21.03
C LEU B 29 -24.48 7.08 -21.06
N LYS B 30 -25.70 7.57 -21.23
CA LYS B 30 -26.88 6.72 -21.27
C LYS B 30 -27.94 7.42 -22.10
N SER B 31 -28.58 6.66 -22.99
CA SER B 31 -29.75 7.14 -23.71
C SER B 31 -31.00 6.69 -22.98
N GLY B 32 -32.04 7.51 -23.06
CA GLY B 32 -33.30 7.18 -22.42
C GLY B 32 -34.35 8.19 -22.81
N LYS B 33 -35.57 7.93 -22.38
CA LYS B 33 -36.67 8.86 -22.61
C LYS B 33 -36.53 10.04 -21.65
N GLN B 34 -36.39 11.24 -22.21
CA GLN B 34 -36.28 12.45 -21.40
C GLN B 34 -37.50 12.59 -20.50
N GLY B 35 -37.26 12.68 -19.19
CA GLY B 35 -38.33 12.89 -18.24
C GLY B 35 -38.92 14.29 -18.38
N ASP B 36 -39.93 14.54 -17.54
CA ASP B 36 -40.65 15.81 -17.56
C ASP B 36 -40.12 16.81 -16.55
N GLY B 37 -39.14 16.43 -15.73
CA GLY B 37 -38.71 17.26 -14.63
C GLY B 37 -37.46 18.06 -14.92
N PRO B 38 -36.92 18.70 -13.89
CA PRO B 38 -35.77 19.57 -14.07
C PRO B 38 -34.54 18.82 -14.57
N VAL B 39 -33.61 19.58 -15.10
CA VAL B 39 -32.31 19.06 -15.52
C VAL B 39 -31.39 19.15 -14.32
N VAL B 40 -30.65 18.09 -14.06
CA VAL B 40 -29.84 17.97 -12.85
C VAL B 40 -28.37 17.92 -13.26
N TYR B 41 -27.60 18.86 -12.76
CA TYR B 41 -26.14 18.84 -12.89
C TYR B 41 -25.58 18.20 -11.61
N TRP B 42 -25.13 16.95 -11.74
CA TRP B 42 -24.39 16.29 -10.67
C TRP B 42 -22.99 16.86 -10.65
N MET B 43 -22.74 17.78 -9.72
CA MET B 43 -21.47 18.47 -9.63
C MET B 43 -20.52 17.65 -8.76
N SER B 44 -19.29 17.48 -9.23
CA SER B 44 -18.31 16.72 -8.48
C SER B 44 -16.97 17.42 -8.51
N ARG B 45 -16.36 17.50 -9.69
CA ARG B 45 -15.01 18.03 -9.83
C ARG B 45 -14.97 19.54 -10.01
N ASP B 46 -16.03 20.15 -10.51
CA ASP B 46 -16.01 21.54 -10.95
C ASP B 46 -16.94 22.36 -10.08
N GLN B 47 -16.44 22.72 -8.90
CA GLN B 47 -17.24 23.39 -7.87
C GLN B 47 -17.12 24.90 -8.05
N ARG B 48 -17.83 25.40 -9.05
CA ARG B 48 -17.89 26.82 -9.32
C ARG B 48 -19.16 27.10 -10.11
N ALA B 49 -19.61 28.35 -10.06
CA ALA B 49 -20.77 28.79 -10.83
C ALA B 49 -20.38 29.48 -12.12
N GLU B 50 -19.22 30.14 -12.14
CA GLU B 50 -18.71 30.77 -13.34
C GLU B 50 -17.84 29.81 -14.15
N ASP B 51 -17.78 30.04 -15.45
CA ASP B 51 -16.84 29.35 -16.32
C ASP B 51 -16.92 27.83 -16.17
N ASN B 52 -18.14 27.30 -16.22
CA ASN B 52 -18.39 25.88 -16.02
C ASN B 52 -19.20 25.32 -17.19
N TRP B 53 -18.51 24.70 -18.14
CA TRP B 53 -19.19 24.15 -19.32
C TRP B 53 -20.27 23.15 -18.93
N ALA B 54 -20.06 22.40 -17.84
CA ALA B 54 -21.04 21.41 -17.42
C ALA B 54 -22.31 22.07 -16.91
N LEU B 55 -22.16 23.16 -16.15
CA LEU B 55 -23.32 23.91 -15.68
C LEU B 55 -23.94 24.72 -16.80
N LEU B 56 -23.12 25.29 -17.69
CA LEU B 56 -23.65 26.06 -18.79
C LEU B 56 -24.47 25.16 -19.72
N PHE B 57 -23.97 23.96 -20.01
CA PHE B 57 -24.70 23.05 -20.87
C PHE B 57 -25.96 22.54 -20.20
N SER B 58 -25.94 22.37 -18.87
CA SER B 58 -27.16 22.00 -18.15
C SER B 58 -28.21 23.11 -18.25
N ARG B 59 -27.77 24.36 -18.09
CA ARG B 59 -28.70 25.48 -18.20
C ARG B 59 -29.31 25.54 -19.59
N ALA B 60 -28.48 25.36 -20.63
CA ALA B 60 -28.98 25.43 -22.00
C ALA B 60 -29.99 24.32 -22.29
N ILE B 61 -29.76 23.12 -21.76
CA ILE B 61 -30.73 22.04 -21.96
C ILE B 61 -32.03 22.37 -21.25
N ALA B 62 -31.94 22.88 -20.02
CA ALA B 62 -33.16 23.22 -19.29
C ALA B 62 -33.93 24.33 -19.99
N LYS B 63 -33.22 25.26 -20.64
CA LYS B 63 -33.90 26.36 -21.32
C LYS B 63 -34.68 25.84 -22.53
N GLU B 64 -34.07 24.96 -23.32
CA GLU B 64 -34.75 24.43 -24.49
C GLU B 64 -35.97 23.62 -24.11
N ALA B 65 -35.90 22.86 -23.02
CA ALA B 65 -37.00 22.01 -22.59
C ALA B 65 -38.00 22.73 -21.69
N ASN B 66 -37.76 23.99 -21.34
CA ASN B 66 -38.68 24.77 -20.51
C ASN B 66 -38.80 24.18 -19.11
N VAL B 67 -37.65 23.86 -18.51
CA VAL B 67 -37.61 23.36 -17.14
C VAL B 67 -36.51 24.08 -16.39
N PRO B 68 -36.48 24.00 -15.06
CA PRO B 68 -35.37 24.58 -14.30
C PRO B 68 -34.17 23.63 -14.25
N VAL B 69 -32.99 24.21 -14.00
CA VAL B 69 -31.77 23.43 -13.76
C VAL B 69 -31.49 23.47 -12.27
N VAL B 70 -31.09 22.33 -11.72
CA VAL B 70 -30.68 22.23 -10.32
C VAL B 70 -29.30 21.59 -10.27
N VAL B 71 -28.61 21.81 -9.16
CA VAL B 71 -27.29 21.26 -8.92
C VAL B 71 -27.35 20.37 -7.69
N VAL B 72 -26.75 19.20 -7.79
CA VAL B 72 -26.67 18.27 -6.67
C VAL B 72 -25.21 17.88 -6.47
N PHE B 73 -24.81 17.79 -5.22
CA PHE B 73 -23.48 17.38 -4.80
C PHE B 73 -23.64 16.34 -3.71
N CYS B 74 -22.90 15.24 -3.80
CA CYS B 74 -22.94 14.17 -2.81
C CYS B 74 -21.60 14.06 -2.11
N LEU B 75 -21.61 14.27 -0.80
CA LEU B 75 -20.43 14.08 0.05
C LEU B 75 -20.39 12.63 0.52
N THR B 76 -19.27 11.95 0.24
CA THR B 76 -19.17 10.58 0.67
C THR B 76 -18.88 10.52 2.17
N ASP B 77 -19.24 9.40 2.81
CA ASP B 77 -18.96 9.27 4.23
C ASP B 77 -17.47 9.06 4.49
N GLU B 78 -16.73 8.54 3.51
CA GLU B 78 -15.30 8.34 3.62
C GLU B 78 -14.49 9.61 3.41
N PHE B 79 -15.14 10.73 3.05
CA PHE B 79 -14.39 11.94 2.74
C PHE B 79 -13.82 12.61 3.98
N LEU B 80 -14.58 12.63 5.08
CA LEU B 80 -14.08 13.30 6.28
C LEU B 80 -12.90 12.54 6.89
N GLU B 81 -12.87 11.22 6.73
CA GLU B 81 -11.82 10.40 7.33
C GLU B 81 -10.52 10.41 6.55
N ALA B 82 -10.53 10.88 5.30
CA ALA B 82 -9.33 10.87 4.47
C ALA B 82 -8.55 12.18 4.50
N GLY B 83 -9.08 13.22 5.17
CA GLY B 83 -8.39 14.49 5.19
C GLY B 83 -9.26 15.65 5.64
N ILE B 84 -8.93 16.20 6.81
CA ILE B 84 -9.73 17.30 7.35
C ILE B 84 -9.45 18.60 6.62
N ARG B 85 -8.18 18.86 6.29
CA ARG B 85 -7.82 20.15 5.71
C ARG B 85 -8.44 20.34 4.33
N GLN B 86 -8.53 19.26 3.54
CA GLN B 86 -9.22 19.36 2.25
C GLN B 86 -10.72 19.47 2.45
N TYR B 87 -11.24 18.75 3.44
CA TYR B 87 -12.67 18.80 3.74
C TYR B 87 -13.08 20.21 4.15
N GLU B 88 -12.29 20.83 5.03
CA GLU B 88 -12.62 22.19 5.44
C GLU B 88 -12.42 23.17 4.28
N PHE B 89 -11.41 22.93 3.46
CA PHE B 89 -11.21 23.76 2.28
C PHE B 89 -12.37 23.61 1.31
N MET B 90 -12.80 22.38 1.07
CA MET B 90 -13.90 22.14 0.13
C MET B 90 -15.21 22.71 0.64
N LEU B 91 -15.53 22.46 1.91
CA LEU B 91 -16.81 22.88 2.45
C LEU B 91 -16.92 24.39 2.45
N LYS B 92 -15.87 25.09 2.86
CA LYS B 92 -15.89 26.54 2.85
C LYS B 92 -16.20 27.06 1.44
N GLY B 93 -15.52 26.51 0.43
CA GLY B 93 -15.81 26.91 -0.93
C GLY B 93 -17.23 26.61 -1.34
N LEU B 94 -17.78 25.48 -0.88
CA LEU B 94 -19.13 25.12 -1.25
C LEU B 94 -20.16 26.04 -0.59
N GLN B 95 -19.86 26.54 0.61
CA GLN B 95 -20.77 27.48 1.25
C GLN B 95 -20.88 28.78 0.46
N GLU B 96 -19.75 29.25 -0.07
CA GLU B 96 -19.79 30.43 -0.93
C GLU B 96 -20.55 30.12 -2.22
N LEU B 97 -20.33 28.93 -2.77
CA LEU B 97 -20.98 28.56 -4.02
C LEU B 97 -22.49 28.45 -3.84
N GLU B 98 -22.93 27.89 -2.71
CA GLU B 98 -24.36 27.81 -2.43
C GLU B 98 -25.00 29.18 -2.55
N VAL B 99 -24.29 30.21 -2.10
CA VAL B 99 -24.78 31.57 -2.22
C VAL B 99 -24.80 32.01 -3.69
N SER B 100 -23.70 31.78 -4.40
CA SER B 100 -23.61 32.23 -5.78
C SER B 100 -24.71 31.63 -6.65
N LEU B 101 -24.98 30.35 -6.48
CA LEU B 101 -26.03 29.71 -7.27
C LEU B 101 -27.40 30.27 -6.91
N SER B 102 -27.63 30.56 -5.63
CA SER B 102 -28.92 31.13 -5.23
C SER B 102 -29.17 32.44 -5.94
N ARG B 103 -28.15 33.29 -6.05
CA ARG B 103 -28.33 34.55 -6.77
C ARG B 103 -28.83 34.32 -8.19
N LYS B 104 -28.43 33.22 -8.80
CA LYS B 104 -28.90 32.83 -10.13
C LYS B 104 -30.19 32.02 -10.07
N LYS B 105 -30.86 32.01 -8.91
CA LYS B 105 -32.11 31.29 -8.75
C LYS B 105 -31.96 29.82 -9.14
N ILE B 106 -30.78 29.25 -8.88
CA ILE B 106 -30.48 27.86 -9.16
C ILE B 106 -30.38 27.13 -7.80
N PRO B 107 -31.34 26.28 -7.47
CA PRO B 107 -31.25 25.57 -6.18
C PRO B 107 -30.17 24.49 -6.21
N SER B 108 -29.58 24.25 -5.05
CA SER B 108 -28.49 23.30 -4.91
C SER B 108 -28.79 22.34 -3.76
N PHE B 109 -28.70 21.04 -4.04
CA PHE B 109 -28.98 20.01 -3.05
C PHE B 109 -27.70 19.28 -2.69
N PHE B 110 -27.42 19.17 -1.40
CA PHE B 110 -26.21 18.52 -0.92
C PHE B 110 -26.61 17.24 -0.20
N LEU B 111 -26.20 16.11 -0.79
CA LEU B 111 -26.50 14.79 -0.26
C LEU B 111 -25.28 14.22 0.46
N ARG B 112 -25.52 13.19 1.27
CA ARG B 112 -24.47 12.50 2.00
C ARG B 112 -24.64 11.00 1.82
N GLY B 113 -23.57 10.32 1.38
CA GLY B 113 -23.58 8.89 1.21
C GLY B 113 -22.89 8.49 -0.08
N ASP B 114 -23.16 7.27 -0.52
CA ASP B 114 -22.60 6.76 -1.77
C ASP B 114 -23.31 7.41 -2.95
N PRO B 115 -22.61 8.14 -3.82
CA PRO B 115 -23.29 8.77 -4.96
C PRO B 115 -23.98 7.78 -5.88
N GLY B 116 -23.45 6.56 -6.00
CA GLY B 116 -24.10 5.56 -6.83
C GLY B 116 -25.55 5.33 -6.45
N GLU B 117 -25.82 5.30 -5.14
CA GLU B 117 -27.18 5.12 -4.65
C GLU B 117 -27.92 6.44 -4.52
N LYS B 118 -27.27 7.47 -4.00
CA LYS B 118 -27.96 8.71 -3.68
C LYS B 118 -28.34 9.49 -4.93
N ILE B 119 -27.44 9.51 -5.93
CA ILE B 119 -27.77 10.21 -7.17
C ILE B 119 -28.88 9.47 -7.91
N SER B 120 -28.78 8.14 -7.95
CA SER B 120 -29.89 7.35 -8.50
C SER B 120 -31.20 7.73 -7.82
N ARG B 121 -31.19 7.78 -6.48
CA ARG B 121 -32.41 8.07 -5.75
C ARG B 121 -32.88 9.50 -5.95
N PHE B 122 -31.96 10.45 -6.00
CA PHE B 122 -32.37 11.85 -6.16
C PHE B 122 -33.08 12.03 -7.50
N VAL B 123 -32.64 11.30 -8.52
CA VAL B 123 -33.25 11.42 -9.84
C VAL B 123 -34.66 10.85 -9.82
N LYS B 124 -34.90 9.80 -9.03
CA LYS B 124 -36.22 9.20 -8.97
C LYS B 124 -37.17 10.05 -8.13
N ASP B 125 -36.69 10.58 -7.01
CA ASP B 125 -37.57 11.31 -6.10
C ASP B 125 -37.98 12.67 -6.66
N TYR B 126 -37.11 13.33 -7.41
CA TYR B 126 -37.39 14.63 -7.98
C TYR B 126 -37.75 14.57 -9.45
N ASN B 127 -37.87 13.38 -10.02
CA ASN B 127 -38.39 13.20 -11.36
C ASN B 127 -37.58 13.98 -12.40
N ALA B 128 -36.25 13.78 -12.36
CA ALA B 128 -35.39 14.54 -13.25
C ALA B 128 -35.61 14.15 -14.70
N GLY B 129 -35.50 15.13 -15.60
CA GLY B 129 -35.67 14.89 -17.01
C GLY B 129 -34.38 14.49 -17.68
N THR B 130 -33.28 15.12 -17.25
CA THR B 130 -31.95 14.82 -17.76
C THR B 130 -30.95 14.95 -16.62
N LEU B 131 -29.91 14.14 -16.67
CA LEU B 131 -28.83 14.17 -15.69
C LEU B 131 -27.54 14.51 -16.39
N VAL B 132 -26.77 15.43 -15.81
CA VAL B 132 -25.48 15.86 -16.32
C VAL B 132 -24.47 15.84 -15.19
N THR B 133 -23.24 15.45 -15.50
CA THR B 133 -22.14 15.54 -14.55
C THR B 133 -20.92 16.09 -15.28
N ASP B 134 -19.91 16.44 -14.51
CA ASP B 134 -18.63 16.88 -15.04
C ASP B 134 -17.69 15.67 -15.18
N PHE B 135 -16.48 15.92 -15.65
CA PHE B 135 -15.58 14.84 -16.07
C PHE B 135 -14.43 14.69 -15.09
N SER B 136 -14.18 13.45 -14.67
CA SER B 136 -13.01 13.11 -13.90
C SER B 136 -12.48 11.78 -14.43
N PRO B 137 -11.18 11.64 -14.64
CA PRO B 137 -10.62 10.36 -15.09
C PRO B 137 -10.36 9.36 -13.97
N LEU B 138 -10.72 9.66 -12.72
CA LEU B 138 -10.38 8.79 -11.61
C LEU B 138 -11.35 7.61 -11.51
N ARG B 139 -10.83 6.49 -11.00
CA ARG B 139 -11.56 5.23 -11.06
C ARG B 139 -12.91 5.34 -10.35
N ILE B 140 -12.93 5.93 -9.15
CA ILE B 140 -14.13 5.84 -8.34
C ILE B 140 -15.27 6.63 -8.95
N LYS B 141 -14.97 7.74 -9.63
CA LYS B 141 -16.03 8.46 -10.32
C LYS B 141 -16.68 7.58 -11.38
N ASN B 142 -15.86 6.82 -12.11
CA ASN B 142 -16.41 5.90 -13.10
C ASN B 142 -17.26 4.84 -12.42
N GLN B 143 -16.76 4.28 -11.31
CA GLN B 143 -17.54 3.30 -10.55
CA GLN B 143 -17.54 3.29 -10.57
C GLN B 143 -18.89 3.86 -10.16
N TRP B 144 -18.93 5.13 -9.73
CA TRP B 144 -20.20 5.75 -9.36
C TRP B 144 -21.12 5.89 -10.58
N ILE B 145 -20.56 6.34 -11.71
CA ILE B 145 -21.36 6.56 -12.91
C ILE B 145 -22.02 5.26 -13.37
N GLU B 146 -21.28 4.14 -13.35
CA GLU B 146 -21.88 2.89 -13.79
C GLU B 146 -23.02 2.48 -12.86
N LYS B 147 -22.90 2.79 -11.57
CA LYS B 147 -23.99 2.53 -10.63
C LYS B 147 -25.22 3.37 -10.96
N VAL B 148 -25.03 4.66 -11.25
CA VAL B 148 -26.16 5.54 -11.53
C VAL B 148 -26.87 5.10 -12.80
N ILE B 149 -26.11 4.80 -13.85
CA ILE B 149 -26.67 4.33 -15.12
C ILE B 149 -27.61 3.16 -14.88
N SER B 150 -27.19 2.21 -14.04
CA SER B 150 -28.03 1.05 -13.79
C SER B 150 -29.26 1.38 -12.95
N GLY B 151 -29.33 2.58 -12.37
CA GLY B 151 -30.44 2.95 -11.52
C GLY B 151 -31.34 4.03 -12.08
N ILE B 152 -31.25 4.39 -13.35
CA ILE B 152 -32.01 5.47 -13.94
C ILE B 152 -32.50 5.06 -15.32
N SER B 153 -33.47 5.83 -15.83
CA SER B 153 -34.01 5.60 -17.16
C SER B 153 -34.03 6.86 -18.02
N ILE B 154 -33.57 7.99 -17.49
CA ILE B 154 -33.52 9.25 -18.22
C ILE B 154 -32.15 9.41 -18.86
N PRO B 155 -32.00 10.27 -19.88
CA PRO B 155 -30.68 10.46 -20.48
C PRO B 155 -29.69 11.00 -19.46
N PHE B 156 -28.42 10.63 -19.65
CA PHE B 156 -27.33 10.98 -18.75
C PHE B 156 -26.16 11.46 -19.60
N PHE B 157 -25.71 12.68 -19.34
CA PHE B 157 -24.59 13.26 -20.08
C PHE B 157 -23.45 13.61 -19.13
N GLU B 158 -22.24 13.69 -19.69
CA GLU B 158 -21.06 14.13 -18.97
C GLU B 158 -20.35 15.17 -19.83
N VAL B 159 -19.88 16.23 -19.18
CA VAL B 159 -19.21 17.34 -19.84
C VAL B 159 -17.84 17.56 -19.21
N ASP B 160 -16.81 17.72 -20.05
CA ASP B 160 -15.48 18.08 -19.58
C ASP B 160 -15.46 19.58 -19.31
N ALA B 161 -15.55 19.94 -18.03
CA ALA B 161 -15.48 21.32 -17.57
C ALA B 161 -14.13 21.67 -16.98
N HIS B 162 -13.18 20.75 -16.99
CA HIS B 162 -11.89 20.93 -16.36
C HIS B 162 -10.75 21.17 -17.34
N ASN B 163 -10.84 20.61 -18.54
CA ASN B 163 -9.79 20.73 -19.54
C ASN B 163 -10.22 21.69 -20.64
N VAL B 164 -9.24 22.41 -21.19
CA VAL B 164 -9.52 23.27 -22.32
C VAL B 164 -9.96 22.43 -23.52
N VAL B 165 -9.19 21.40 -23.84
CA VAL B 165 -9.57 20.42 -24.84
C VAL B 165 -10.10 19.18 -24.12
N PRO B 166 -11.32 18.73 -24.44
CA PRO B 166 -11.85 17.54 -23.75
C PRO B 166 -10.88 16.37 -23.85
N CYS B 167 -10.73 15.67 -22.72
CA CYS B 167 -9.71 14.64 -22.61
C CYS B 167 -9.87 13.56 -23.68
N TRP B 168 -11.09 13.14 -23.95
CA TRP B 168 -11.33 12.10 -24.96
C TRP B 168 -11.16 12.62 -26.38
N GLU B 169 -11.09 13.95 -26.56
CA GLU B 169 -10.87 14.53 -27.88
C GLU B 169 -9.40 14.82 -28.12
N ALA B 170 -8.67 15.26 -27.09
CA ALA B 170 -7.28 15.66 -27.29
C ALA B 170 -6.45 14.48 -27.80
N SER B 171 -6.72 13.28 -27.31
CA SER B 171 -6.03 12.09 -27.78
C SER B 171 -6.90 10.89 -27.45
N GLN B 172 -6.82 9.88 -28.31
CA GLN B 172 -7.59 8.65 -28.15
C GLN B 172 -6.78 7.53 -27.49
N LYS B 173 -5.59 7.84 -27.00
CA LYS B 173 -4.68 6.82 -26.47
C LYS B 173 -3.75 7.42 -25.45
N HIS B 174 -3.16 6.56 -24.63
CA HIS B 174 -2.10 6.97 -23.71
C HIS B 174 -0.95 7.59 -24.49
N GLU B 175 -0.45 8.73 -24.00
CA GLU B 175 0.64 9.45 -24.65
C GLU B 175 1.95 9.18 -23.90
N TYR B 176 2.97 8.76 -24.65
CA TYR B 176 4.24 8.39 -24.03
C TYR B 176 4.96 9.59 -23.44
N ALA B 177 4.83 10.77 -24.06
CA ALA B 177 5.60 11.93 -23.65
C ALA B 177 4.82 13.20 -23.97
N ALA B 178 5.27 14.30 -23.37
CA ALA B 178 4.68 15.60 -23.68
C ALA B 178 4.98 16.03 -25.12
N HIS B 179 6.11 15.58 -25.69
CA HIS B 179 6.48 16.02 -27.03
C HIS B 179 5.60 15.39 -28.11
N THR B 180 4.96 14.25 -27.82
CA THR B 180 3.93 13.70 -28.70
C THR B 180 2.55 14.25 -28.40
N PHE B 181 2.34 14.79 -27.19
CA PHE B 181 1.05 15.35 -26.80
C PHE B 181 0.92 16.78 -27.31
N ARG B 182 2.01 17.54 -27.29
CA ARG B 182 2.03 18.95 -27.68
C ARG B 182 1.29 19.20 -28.99
N PRO B 183 1.72 18.60 -30.10
CA PRO B 183 1.06 18.91 -31.38
C PRO B 183 -0.42 18.57 -31.40
N LYS B 184 -0.82 17.49 -30.73
CA LYS B 184 -2.25 17.15 -30.69
C LYS B 184 -3.03 18.22 -29.95
N LEU B 185 -2.55 18.63 -28.77
CA LEU B 185 -3.31 19.58 -27.96
C LEU B 185 -3.31 20.97 -28.56
N TYR B 186 -2.12 21.48 -28.92
CA TYR B 186 -2.03 22.85 -29.41
C TYR B 186 -2.69 23.01 -30.77
N ALA B 187 -2.71 21.95 -31.59
CA ALA B 187 -3.46 22.02 -32.84
C ALA B 187 -4.95 22.22 -32.58
N LEU B 188 -5.43 21.78 -31.43
CA LEU B 188 -6.85 21.85 -31.10
C LEU B 188 -7.22 23.08 -30.27
N LEU B 189 -6.24 23.90 -29.91
CA LEU B 189 -6.52 25.08 -29.10
C LEU B 189 -7.36 26.12 -29.85
N PRO B 190 -7.08 26.43 -31.11
CA PRO B 190 -7.89 27.44 -31.80
C PRO B 190 -9.38 27.16 -31.75
N GLU B 191 -9.77 25.89 -31.71
CA GLU B 191 -11.19 25.55 -31.62
C GLU B 191 -11.70 25.70 -30.19
N PHE B 192 -10.98 25.14 -29.22
CA PHE B 192 -11.52 24.95 -27.88
C PHE B 192 -11.15 26.06 -26.91
N LEU B 193 -10.11 26.83 -27.18
CA LEU B 193 -9.79 27.98 -26.34
C LEU B 193 -10.70 29.13 -26.77
N GLU B 194 -11.76 29.37 -25.99
CA GLU B 194 -12.78 30.34 -26.33
C GLU B 194 -13.33 30.92 -25.03
N GLU B 195 -13.90 32.12 -25.13
CA GLU B 195 -14.46 32.76 -23.95
C GLU B 195 -15.68 32.01 -23.45
N PHE B 196 -16.03 32.25 -22.18
CA PHE B 196 -17.21 31.61 -21.61
C PHE B 196 -18.41 32.54 -21.71
N PRO B 197 -19.61 32.00 -21.99
CA PRO B 197 -20.82 32.82 -21.84
C PRO B 197 -21.23 32.90 -20.38
N GLU B 198 -21.97 33.96 -20.06
CA GLU B 198 -22.48 34.12 -18.71
C GLU B 198 -23.53 33.06 -18.42
N LEU B 199 -23.60 32.65 -17.15
CA LEU B 199 -24.64 31.74 -16.71
C LEU B 199 -25.95 32.51 -16.54
N GLU B 200 -26.95 32.15 -17.33
CA GLU B 200 -28.26 32.78 -17.21
C GLU B 200 -29.01 32.18 -16.03
N PRO B 201 -29.59 33.01 -15.16
CA PRO B 201 -30.35 32.45 -14.03
C PRO B 201 -31.54 31.65 -14.54
N ASN B 202 -32.16 30.89 -13.62
CA ASN B 202 -33.37 30.15 -13.97
C ASN B 202 -34.53 31.12 -14.22
N SER B 203 -35.26 30.86 -15.30
CA SER B 203 -36.50 31.56 -15.62
C SER B 203 -37.73 30.78 -15.18
N VAL B 204 -37.64 29.46 -15.14
CA VAL B 204 -38.73 28.60 -14.67
C VAL B 204 -38.58 28.42 -13.17
N THR B 205 -39.53 28.96 -12.41
CA THR B 205 -39.46 28.90 -10.96
C THR B 205 -39.56 27.46 -10.47
N PRO B 206 -38.52 26.91 -9.80
CA PRO B 206 -38.61 25.53 -9.32
C PRO B 206 -39.54 25.37 -8.11
N ASP B 240 -4.68 17.27 13.32
CA ASP B 240 -3.95 18.06 12.33
C ASP B 240 -3.43 19.37 12.92
N PRO B 241 -2.67 19.28 14.01
CA PRO B 241 -2.26 20.50 14.72
C PRO B 241 -1.21 21.32 14.00
N LEU B 242 -0.47 20.74 13.05
CA LEU B 242 0.60 21.47 12.40
C LEU B 242 0.10 22.39 11.30
N PHE B 243 -1.09 22.14 10.77
CA PHE B 243 -1.56 22.86 9.60
C PHE B 243 -1.81 24.32 9.92
N GLU B 244 -1.32 25.21 9.05
CA GLU B 244 -1.53 26.65 9.18
C GLU B 244 -2.52 27.08 8.11
N PRO B 245 -3.79 27.32 8.46
CA PRO B 245 -4.83 27.47 7.44
C PRO B 245 -4.90 28.84 6.78
N TRP B 246 -4.07 29.80 7.17
CA TRP B 246 -4.22 31.17 6.66
C TRP B 246 -3.48 31.42 5.35
N HIS B 247 -2.82 30.40 4.79
CA HIS B 247 -2.10 30.61 3.54
C HIS B 247 -3.02 30.62 2.33
N PHE B 248 -4.19 29.98 2.41
CA PHE B 248 -5.09 29.88 1.26
C PHE B 248 -6.52 30.03 1.73
N GLU B 249 -7.15 31.14 1.38
CA GLU B 249 -8.59 31.29 1.58
C GLU B 249 -9.32 30.51 0.47
N PRO B 250 -10.18 29.56 0.82
CA PRO B 250 -10.91 28.82 -0.23
C PRO B 250 -12.03 29.67 -0.80
N GLY B 251 -12.55 29.21 -1.94
CA GLY B 251 -13.70 29.85 -2.56
C GLY B 251 -13.47 30.35 -3.97
N GLU B 252 -14.58 30.56 -4.70
CA GLU B 252 -14.49 31.02 -6.08
C GLU B 252 -13.93 32.44 -6.16
N LYS B 253 -14.32 33.31 -5.22
CA LYS B 253 -13.85 34.70 -5.27
C LYS B 253 -12.37 34.80 -4.89
N ALA B 254 -11.95 34.06 -3.86
CA ALA B 254 -10.54 34.09 -3.49
C ALA B 254 -9.67 33.55 -4.62
N ALA B 255 -10.15 32.51 -5.31
CA ALA B 255 -9.38 31.94 -6.40
C ALA B 255 -9.07 33.00 -7.45
N LYS B 256 -10.08 33.79 -7.83
CA LYS B 256 -9.86 34.84 -8.82
C LYS B 256 -8.87 35.89 -8.32
N LYS B 257 -8.93 36.21 -7.02
CA LYS B 257 -7.97 37.18 -6.47
C LYS B 257 -6.56 36.61 -6.50
N VAL B 258 -6.42 35.30 -6.23
CA VAL B 258 -5.11 34.66 -6.36
C VAL B 258 -4.64 34.69 -7.81
N MET B 259 -5.56 34.46 -8.75
CA MET B 259 -5.19 34.50 -10.16
C MET B 259 -4.72 35.89 -10.56
N GLU B 260 -5.42 36.93 -10.09
CA GLU B 260 -5.06 38.29 -10.48
C GLU B 260 -3.69 38.67 -9.94
N SER B 261 -3.44 38.40 -8.66
CA SER B 261 -2.17 38.76 -8.06
C SER B 261 -1.01 37.99 -8.68
N PHE B 262 -1.26 36.81 -9.24
CA PHE B 262 -0.20 36.09 -9.94
C PHE B 262 0.21 36.81 -11.22
N ILE B 263 -0.79 37.19 -12.03
CA ILE B 263 -0.49 37.85 -13.30
C ILE B 263 0.15 39.20 -13.05
N ALA B 264 -0.25 39.89 -11.98
CA ALA B 264 0.23 41.25 -11.74
C ALA B 264 1.64 41.26 -11.17
N ASP B 265 1.94 40.35 -10.24
CA ASP B 265 3.16 40.43 -9.45
C ASP B 265 4.15 39.29 -9.70
N ARG B 266 3.68 38.12 -10.15
CA ARG B 266 4.52 36.93 -10.19
C ARG B 266 4.75 36.38 -11.59
N LEU B 267 3.81 36.55 -12.51
CA LEU B 267 3.95 35.93 -13.84
C LEU B 267 5.23 36.38 -14.53
N ASP B 268 5.60 37.65 -14.39
CA ASP B 268 6.70 38.18 -15.16
C ASP B 268 8.00 37.40 -14.91
N SER B 269 8.25 37.02 -13.66
CA SER B 269 9.46 36.30 -13.30
C SER B 269 9.25 34.80 -13.18
N TYR B 270 8.03 34.31 -13.42
CA TYR B 270 7.73 32.89 -13.26
C TYR B 270 8.71 32.04 -14.06
N GLY B 271 8.88 32.36 -15.33
CA GLY B 271 9.75 31.56 -16.18
C GLY B 271 11.14 31.40 -15.60
N ALA B 272 11.62 32.42 -14.89
CA ALA B 272 12.97 32.39 -14.34
C ALA B 272 13.06 31.78 -12.94
N LEU B 273 12.05 31.98 -12.08
CA LEU B 273 12.16 31.49 -10.71
C LEU B 273 11.12 30.39 -10.38
N ARG B 274 10.52 29.76 -11.38
CA ARG B 274 9.50 28.77 -11.07
C ARG B 274 10.09 27.58 -10.32
N ASN B 275 11.37 27.30 -10.50
CA ASN B 275 12.03 26.18 -9.85
C ASN B 275 12.86 26.60 -8.65
N ASP B 276 12.65 27.82 -8.13
CA ASP B 276 13.33 28.26 -6.92
C ASP B 276 12.36 28.19 -5.75
N PRO B 277 12.43 27.18 -4.88
CA PRO B 277 11.46 27.10 -3.77
C PRO B 277 11.67 28.11 -2.66
N THR B 278 12.76 28.89 -2.70
CA THR B 278 12.91 30.00 -1.75
C THR B 278 12.17 31.25 -2.20
N LYS B 279 11.80 31.32 -3.48
CA LYS B 279 11.06 32.45 -4.02
C LYS B 279 9.60 32.05 -4.22
N ASN B 280 8.68 32.90 -3.77
CA ASN B 280 7.25 32.62 -3.87
C ASN B 280 6.74 33.15 -5.21
N MET B 281 7.13 32.46 -6.28
CA MET B 281 6.86 32.92 -7.64
C MET B 281 5.89 32.02 -8.39
N LEU B 282 5.38 30.97 -7.78
CA LEU B 282 4.38 30.14 -8.45
C LEU B 282 3.02 30.83 -8.42
N SER B 283 2.10 30.32 -9.25
CA SER B 283 0.76 30.89 -9.30
C SER B 283 0.00 30.65 -8.00
N ASN B 284 0.29 29.54 -7.31
CA ASN B 284 -0.42 29.12 -6.10
C ASN B 284 -1.90 28.86 -6.38
N LEU B 285 -2.21 28.40 -7.59
CA LEU B 285 -3.58 28.18 -8.00
C LEU B 285 -4.06 26.74 -7.82
N SER B 286 -3.17 25.79 -7.56
CA SER B 286 -3.54 24.38 -7.65
C SER B 286 -4.64 23.97 -6.67
N PRO B 287 -4.72 24.47 -5.44
CA PRO B 287 -5.85 24.07 -4.58
C PRO B 287 -7.20 24.43 -5.18
N TYR B 288 -7.30 25.63 -5.76
CA TYR B 288 -8.53 26.04 -6.42
C TYR B 288 -8.77 25.24 -7.69
N LEU B 289 -7.71 25.02 -8.48
CA LEU B 289 -7.85 24.27 -9.72
C LEU B 289 -8.31 22.84 -9.45
N HIS B 290 -7.82 22.23 -8.36
CA HIS B 290 -8.16 20.84 -8.09
C HIS B 290 -9.65 20.68 -7.77
N PHE B 291 -10.18 21.53 -6.89
CA PHE B 291 -11.60 21.50 -6.57
C PHE B 291 -12.46 22.20 -7.61
N GLY B 292 -11.88 22.67 -8.70
CA GLY B 292 -12.65 23.35 -9.72
C GLY B 292 -13.24 24.68 -9.27
N GLN B 293 -12.64 25.32 -8.28
CA GLN B 293 -13.12 26.63 -7.83
C GLN B 293 -12.73 27.74 -8.79
N ILE B 294 -11.75 27.49 -9.66
CA ILE B 294 -11.47 28.37 -10.81
C ILE B 294 -11.24 27.48 -12.03
N SER B 295 -11.64 27.99 -13.18
CA SER B 295 -11.44 27.26 -14.43
C SER B 295 -10.03 27.47 -14.96
N SER B 296 -9.40 26.38 -15.40
CA SER B 296 -8.09 26.53 -16.02
C SER B 296 -8.21 27.25 -17.37
N GLN B 297 -9.33 27.07 -18.07
CA GLN B 297 -9.57 27.81 -19.30
C GLN B 297 -9.65 29.31 -19.04
N ARG B 298 -10.28 29.70 -17.92
CA ARG B 298 -10.30 31.12 -17.56
C ARG B 298 -8.87 31.63 -17.30
N VAL B 299 -8.11 30.90 -16.49
CA VAL B 299 -6.73 31.30 -16.19
C VAL B 299 -5.95 31.52 -17.49
N VAL B 300 -6.06 30.57 -18.42
CA VAL B 300 -5.33 30.69 -19.68
C VAL B 300 -5.78 31.94 -20.43
N LEU B 301 -7.09 32.15 -20.51
CA LEU B 301 -7.60 33.35 -21.19
C LEU B 301 -6.98 34.61 -20.61
N GLU B 302 -6.92 34.70 -19.28
CA GLU B 302 -6.38 35.90 -18.64
C GLU B 302 -4.87 36.01 -18.82
N VAL B 303 -4.17 34.87 -18.83
CA VAL B 303 -2.73 34.90 -19.02
C VAL B 303 -2.39 35.32 -20.44
N GLU B 304 -3.15 34.84 -21.43
CA GLU B 304 -2.92 35.25 -22.81
C GLU B 304 -3.05 36.77 -22.95
N LYS B 305 -4.02 37.38 -22.26
CA LYS B 305 -4.24 38.80 -22.38
C LYS B 305 -3.16 39.63 -21.69
N ALA B 306 -2.46 39.05 -20.73
CA ALA B 306 -1.43 39.78 -20.01
C ALA B 306 -0.27 40.14 -20.93
N GLU B 307 0.24 41.37 -20.78
CA GLU B 307 1.46 41.80 -21.47
C GLU B 307 2.60 41.56 -20.50
N SER B 308 3.22 40.38 -20.60
CA SER B 308 4.31 40.00 -19.71
C SER B 308 5.41 39.34 -20.53
N ASN B 309 6.45 38.88 -19.85
CA ASN B 309 7.54 38.17 -20.48
C ASN B 309 7.00 37.00 -21.31
N PRO B 310 7.22 36.98 -22.63
CA PRO B 310 6.72 35.85 -23.43
C PRO B 310 7.28 34.51 -22.99
N GLY B 311 8.55 34.48 -22.56
CA GLY B 311 9.13 33.24 -22.07
C GLY B 311 8.45 32.75 -20.81
N SER B 312 8.08 33.68 -19.92
CA SER B 312 7.35 33.31 -18.71
C SER B 312 5.96 32.78 -19.05
N LYS B 313 5.24 33.51 -19.90
CA LYS B 313 3.89 33.07 -20.28
C LYS B 313 3.93 31.71 -20.96
N LYS B 314 4.87 31.50 -21.88
CA LYS B 314 4.97 30.21 -22.55
C LYS B 314 5.29 29.09 -21.56
N ALA B 315 6.16 29.37 -20.58
CA ALA B 315 6.51 28.36 -19.59
C ALA B 315 5.31 28.02 -18.72
N PHE B 316 4.54 29.04 -18.30
CA PHE B 316 3.37 28.79 -17.47
C PHE B 316 2.27 28.08 -18.25
N LEU B 317 1.99 28.57 -19.46
CA LEU B 317 0.97 27.94 -20.28
C LEU B 317 1.30 26.47 -20.56
N ASP B 318 2.58 26.15 -20.70
CA ASP B 318 2.97 24.75 -20.87
C ASP B 318 2.59 23.93 -19.65
N GLU B 319 2.73 24.50 -18.44
CA GLU B 319 2.43 23.76 -17.23
C GLU B 319 0.93 23.54 -17.07
N ILE B 320 0.13 24.60 -17.22
CA ILE B 320 -1.31 24.48 -16.99
C ILE B 320 -2.03 23.81 -18.15
N LEU B 321 -1.45 23.77 -19.34
CA LEU B 321 -2.11 23.12 -20.48
C LEU B 321 -1.57 21.72 -20.71
N ILE B 322 -0.30 21.62 -21.14
CA ILE B 322 0.23 20.33 -21.55
C ILE B 322 0.31 19.38 -20.35
N TRP B 323 0.96 19.82 -19.28
CA TRP B 323 1.23 18.91 -18.18
C TRP B 323 -0.01 18.63 -17.35
N LYS B 324 -0.86 19.64 -17.17
CA LYS B 324 -2.10 19.39 -16.46
C LYS B 324 -3.02 18.45 -17.25
N GLU B 325 -3.14 18.68 -18.55
CA GLU B 325 -4.07 17.87 -19.34
C GLU B 325 -3.48 16.52 -19.74
N ILE B 326 -2.16 16.35 -19.69
CA ILE B 326 -1.59 15.04 -19.91
C ILE B 326 -1.70 14.16 -18.67
N SER B 327 -1.83 14.75 -17.48
CA SER B 327 -2.11 13.97 -16.29
C SER B 327 -3.50 13.35 -16.37
N ASP B 328 -4.47 14.10 -16.89
CA ASP B 328 -5.78 13.52 -17.17
C ASP B 328 -5.67 12.42 -18.22
N ASN B 329 -4.89 12.65 -19.27
CA ASN B 329 -4.69 11.61 -20.30
C ASN B 329 -4.10 10.35 -19.69
N PHE B 330 -3.10 10.52 -18.82
CA PHE B 330 -2.48 9.37 -18.17
C PHE B 330 -3.51 8.55 -17.39
N CYS B 331 -4.28 9.22 -16.54
CA CYS B 331 -5.22 8.51 -15.68
C CYS B 331 -6.40 7.95 -16.46
N TYR B 332 -6.83 8.64 -17.51
CA TYR B 332 -8.02 8.21 -18.24
C TYR B 332 -7.77 6.92 -19.00
N TYR B 333 -6.55 6.74 -19.53
CA TYR B 333 -6.22 5.59 -20.36
C TYR B 333 -5.39 4.53 -19.64
N ASN B 334 -5.05 4.73 -18.37
CA ASN B 334 -4.38 3.72 -17.56
C ASN B 334 -5.12 3.60 -16.24
N PRO B 335 -6.06 2.67 -16.13
CA PRO B 335 -6.86 2.58 -14.90
C PRO B 335 -6.04 2.20 -13.68
N GLY B 336 -4.83 1.67 -13.84
CA GLY B 336 -3.95 1.44 -12.71
C GLY B 336 -2.92 2.54 -12.51
N TYR B 337 -3.33 3.79 -12.74
CA TYR B 337 -2.42 4.93 -12.75
C TYR B 337 -1.69 5.13 -11.43
N ASP B 338 -2.15 4.50 -10.34
CA ASP B 338 -1.50 4.65 -9.04
C ASP B 338 -0.70 3.42 -8.66
N GLY B 339 -0.26 2.63 -9.64
CA GLY B 339 0.37 1.37 -9.36
C GLY B 339 1.60 1.16 -10.23
N PHE B 340 2.43 0.22 -9.78
CA PHE B 340 3.66 -0.13 -10.48
C PHE B 340 3.39 -0.59 -11.91
N GLU B 341 2.24 -1.24 -12.14
CA GLU B 341 1.97 -1.81 -13.45
C GLU B 341 1.89 -0.73 -14.53
N SER B 342 1.56 0.51 -14.15
CA SER B 342 1.41 1.58 -15.13
C SER B 342 2.73 2.20 -15.57
N PHE B 343 3.84 1.83 -14.93
CA PHE B 343 5.13 2.39 -15.33
C PHE B 343 5.49 1.89 -16.72
N PRO B 344 6.23 2.68 -17.50
CA PRO B 344 6.69 2.19 -18.80
C PRO B 344 7.54 0.93 -18.62
N SER B 345 7.49 0.06 -19.62
CA SER B 345 8.13 -1.25 -19.47
C SER B 345 9.60 -1.10 -19.13
N TRP B 346 10.32 -0.17 -19.78
CA TRP B 346 11.74 -0.01 -19.51
C TRP B 346 11.99 0.32 -18.05
N ALA B 347 11.10 1.12 -17.44
CA ALA B 347 11.28 1.47 -16.04
C ALA B 347 10.99 0.30 -15.13
N LYS B 348 9.99 -0.53 -15.49
CA LYS B 348 9.70 -1.70 -14.67
C LYS B 348 10.87 -2.69 -14.70
N GLU B 349 11.49 -2.89 -15.86
CA GLU B 349 12.62 -3.82 -15.91
C GLU B 349 13.79 -3.29 -15.11
N SER B 350 14.08 -2.00 -15.22
CA SER B 350 15.20 -1.41 -14.49
C SER B 350 14.99 -1.56 -13.00
N LEU B 351 13.82 -1.15 -12.49
CA LEU B 351 13.60 -1.21 -11.05
C LEU B 351 13.60 -2.66 -10.57
N ASN B 352 13.03 -3.58 -11.36
CA ASN B 352 13.05 -5.00 -11.00
C ASN B 352 14.47 -5.52 -10.86
N ALA B 353 15.36 -5.12 -11.76
CA ALA B 353 16.73 -5.60 -11.73
C ALA B 353 17.47 -5.19 -10.46
N HIS B 354 17.04 -4.11 -9.82
CA HIS B 354 17.72 -3.56 -8.65
C HIS B 354 16.95 -3.77 -7.35
N ARG B 355 15.96 -4.67 -7.35
CA ARG B 355 15.11 -4.82 -6.17
C ARG B 355 15.89 -5.30 -4.96
N ASN B 356 16.95 -6.08 -5.17
CA ASN B 356 17.72 -6.66 -4.07
C ASN B 356 18.92 -5.80 -3.70
N ASP B 357 19.10 -4.65 -4.34
CA ASP B 357 20.19 -3.75 -3.98
C ASP B 357 20.01 -3.26 -2.56
N VAL B 358 21.12 -3.14 -1.83
CA VAL B 358 21.07 -2.58 -0.48
C VAL B 358 20.76 -1.09 -0.56
N ARG B 359 19.76 -0.66 0.20
CA ARG B 359 19.42 0.75 0.28
C ARG B 359 20.30 1.47 1.30
N SER B 360 20.66 2.72 0.99
CA SER B 360 21.47 3.51 1.91
C SER B 360 20.73 3.80 3.21
N HIS B 361 19.42 3.97 3.13
CA HIS B 361 18.56 4.15 4.30
C HIS B 361 17.21 3.51 4.00
N ILE B 362 16.51 3.12 5.05
CA ILE B 362 15.14 2.63 4.93
C ILE B 362 14.31 3.31 6.01
N TYR B 363 13.29 4.06 5.59
CA TYR B 363 12.38 4.73 6.50
C TYR B 363 10.97 4.16 6.36
N THR B 364 10.25 4.14 7.47
CA THR B 364 8.86 3.75 7.47
C THR B 364 8.00 4.94 7.07
N LEU B 365 6.73 4.65 6.73
CA LEU B 365 5.80 5.71 6.41
C LEU B 365 5.74 6.74 7.53
N GLU B 366 5.70 6.28 8.78
CA GLU B 366 5.61 7.21 9.91
C GLU B 366 6.84 8.08 10.03
N GLU B 367 8.02 7.53 9.70
CA GLU B 367 9.25 8.32 9.79
C GLU B 367 9.31 9.33 8.66
N PHE B 368 8.95 8.92 7.44
CA PHE B 368 8.79 9.88 6.36
C PHE B 368 7.78 10.95 6.76
N GLU B 369 6.63 10.52 7.28
CA GLU B 369 5.54 11.43 7.57
C GLU B 369 5.95 12.51 8.56
N ALA B 370 6.80 12.17 9.52
CA ALA B 370 7.21 13.08 10.57
C ALA B 370 8.47 13.86 10.23
N GLY B 371 9.04 13.65 9.05
CA GLY B 371 10.25 14.38 8.68
C GLY B 371 11.47 13.99 9.48
N LYS B 372 11.59 12.71 9.85
CA LYS B 372 12.68 12.24 10.70
C LYS B 372 13.72 11.46 9.92
N THR B 373 14.09 11.94 8.73
CA THR B 373 15.17 11.33 7.96
C THR B 373 16.48 12.08 8.20
N HIS B 374 17.54 11.52 7.63
CA HIS B 374 18.87 12.13 7.67
C HIS B 374 18.99 13.35 6.78
N ASP B 375 18.00 13.62 5.92
CA ASP B 375 18.13 14.64 4.90
C ASP B 375 17.36 15.89 5.30
N PRO B 376 18.04 16.96 5.73
CA PRO B 376 17.30 18.15 6.20
C PRO B 376 16.56 18.88 5.09
N LEU B 377 17.01 18.74 3.84
CA LEU B 377 16.26 19.31 2.73
C LEU B 377 14.95 18.56 2.51
N TRP B 378 15.03 17.22 2.47
CA TRP B 378 13.81 16.41 2.44
C TRP B 378 12.91 16.75 3.62
N ASN B 379 13.47 16.76 4.83
CA ASN B 379 12.66 17.02 6.02
C ASN B 379 12.00 18.39 5.93
N ALA B 380 12.69 19.38 5.39
CA ALA B 380 12.09 20.70 5.21
C ALA B 380 10.97 20.65 4.19
N SER B 381 11.18 19.91 3.10
CA SER B 381 10.12 19.73 2.10
C SER B 381 8.87 19.15 2.72
N GLN B 382 9.05 18.10 3.55
CA GLN B 382 7.91 17.51 4.24
C GLN B 382 7.32 18.48 5.25
N MET B 383 8.13 19.38 5.80
CA MET B 383 7.62 20.35 6.77
C MET B 383 6.78 21.41 6.08
N GLU B 384 7.16 21.83 4.88
CA GLU B 384 6.31 22.74 4.12
C GLU B 384 4.97 22.10 3.81
N LEU B 385 4.97 20.80 3.55
CA LEU B 385 3.72 20.08 3.31
C LEU B 385 2.85 20.03 4.57
N LEU B 386 3.47 19.71 5.70
CA LEU B 386 2.70 19.58 6.93
C LEU B 386 2.11 20.91 7.37
N SER B 387 2.88 21.99 7.22
CA SER B 387 2.43 23.29 7.72
C SER B 387 1.52 24.01 6.74
N THR B 388 1.90 24.04 5.46
CA THR B 388 1.17 24.85 4.48
C THR B 388 0.18 24.06 3.64
N GLY B 389 0.38 22.76 3.49
CA GLY B 389 -0.45 22.00 2.58
C GLY B 389 -0.19 22.25 1.11
N LYS B 390 0.97 22.80 0.77
CA LYS B 390 1.33 23.05 -0.63
C LYS B 390 2.85 23.10 -0.69
N MET B 391 3.48 21.95 -0.91
CA MET B 391 4.92 21.89 -1.07
C MET B 391 5.30 22.43 -2.44
N HIS B 392 6.42 23.14 -2.50
CA HIS B 392 6.83 23.76 -3.76
C HIS B 392 6.99 22.69 -4.84
N GLY B 393 6.61 23.05 -6.06
CA GLY B 393 6.60 22.08 -7.14
C GLY B 393 7.95 21.42 -7.36
N TYR B 394 9.04 22.16 -7.15
CA TYR B 394 10.37 21.59 -7.38
C TYR B 394 10.73 20.56 -6.32
N THR B 395 10.46 20.85 -5.04
CA THR B 395 10.85 19.92 -3.99
C THR B 395 9.99 18.66 -3.98
N ARG B 396 8.84 18.67 -4.66
CA ARG B 396 8.03 17.46 -4.74
C ARG B 396 8.71 16.38 -5.58
N MET B 397 9.49 16.79 -6.58
CA MET B 397 10.29 15.83 -7.34
C MET B 397 11.34 15.17 -6.45
N TYR B 398 12.18 15.99 -5.80
CA TYR B 398 13.17 15.49 -4.87
C TYR B 398 12.52 14.68 -3.75
N TRP B 399 11.40 15.18 -3.23
CA TRP B 399 10.70 14.51 -2.14
C TRP B 399 10.34 13.09 -2.51
N ALA B 400 9.70 12.90 -3.66
CA ALA B 400 9.22 11.58 -4.03
C ALA B 400 10.33 10.66 -4.51
N LYS B 401 11.41 11.23 -5.08
CA LYS B 401 12.49 10.39 -5.57
C LYS B 401 13.31 9.83 -4.42
N LYS B 402 13.45 10.59 -3.33
CA LYS B 402 14.13 10.04 -2.15
C LYS B 402 13.28 9.01 -1.44
N ILE B 403 11.95 9.11 -1.52
CA ILE B 403 11.08 8.08 -0.96
C ILE B 403 11.39 6.75 -1.64
N LEU B 404 11.54 6.77 -2.97
CA LEU B 404 11.94 5.56 -3.68
C LEU B 404 13.36 5.16 -3.28
N GLU B 405 14.26 6.13 -3.17
CA GLU B 405 15.65 5.83 -2.84
C GLU B 405 15.78 5.18 -1.47
N TRP B 406 14.90 5.50 -0.53
CA TRP B 406 15.03 5.07 0.87
C TRP B 406 13.87 4.19 1.31
N SER B 407 13.27 3.46 0.38
CA SER B 407 12.21 2.51 0.70
CA SER B 407 12.20 2.51 0.67
C SER B 407 12.65 1.10 0.29
N GLU B 408 12.03 0.11 0.91
CA GLU B 408 12.46 -1.27 0.70
C GLU B 408 12.06 -1.82 -0.66
N SER B 409 11.04 -1.25 -1.31
CA SER B 409 10.64 -1.72 -2.61
C SER B 409 9.99 -0.59 -3.38
N PRO B 410 9.99 -0.63 -4.72
CA PRO B 410 9.31 0.40 -5.49
C PRO B 410 7.84 0.54 -5.15
N GLU B 411 7.14 -0.58 -4.95
CA GLU B 411 5.71 -0.52 -4.65
C GLU B 411 5.45 0.23 -3.34
N LYS B 412 6.26 -0.04 -2.33
CA LYS B 412 6.09 0.65 -1.06
C LYS B 412 6.40 2.14 -1.19
N ALA B 413 7.37 2.51 -2.03
CA ALA B 413 7.63 3.92 -2.28
C ALA B 413 6.44 4.61 -2.93
N LEU B 414 5.80 3.93 -3.90
CA LEU B 414 4.59 4.47 -4.51
C LEU B 414 3.50 4.69 -3.46
N GLU B 415 3.29 3.70 -2.59
CA GLU B 415 2.26 3.77 -1.57
C GLU B 415 2.53 4.91 -0.58
N ILE B 416 3.77 5.03 -0.11
CA ILE B 416 4.09 6.07 0.86
C ILE B 416 3.87 7.44 0.25
N ALA B 417 4.35 7.64 -0.98
CA ALA B 417 4.25 8.95 -1.61
C ALA B 417 2.78 9.31 -1.86
N ILE B 418 2.03 8.37 -2.40
CA ILE B 418 0.60 8.61 -2.66
C ILE B 418 -0.14 8.89 -1.36
N CYS B 419 0.17 8.12 -0.32
CA CYS B 419 -0.50 8.30 0.96
C CYS B 419 -0.31 9.71 1.49
N LEU B 420 0.95 10.17 1.55
CA LEU B 420 1.25 11.48 2.12
C LEU B 420 0.80 12.61 1.20
N ASN B 421 0.96 12.44 -0.11
CA ASN B 421 0.47 13.45 -1.05
C ASN B 421 -1.02 13.66 -0.86
N ASP B 422 -1.79 12.56 -0.82
CA ASP B 422 -3.24 12.68 -0.74
C ASP B 422 -3.70 13.06 0.66
N ARG B 423 -2.91 12.75 1.68
CA ARG B 423 -3.29 13.08 3.06
C ARG B 423 -3.10 14.57 3.35
N TYR B 424 -2.04 15.18 2.81
CA TYR B 424 -1.64 16.51 3.24
C TYR B 424 -1.65 17.58 2.16
N GLU B 425 -1.50 17.22 0.89
CA GLU B 425 -1.56 18.23 -0.17
C GLU B 425 -3.00 18.71 -0.33
N LEU B 426 -3.19 20.03 -0.33
CA LEU B 426 -4.52 20.57 -0.60
C LEU B 426 -4.98 20.21 -2.00
N ASP B 427 -4.06 20.22 -2.97
CA ASP B 427 -4.38 19.87 -4.35
C ASP B 427 -4.29 18.37 -4.60
N GLY B 428 -4.28 17.56 -3.54
CA GLY B 428 -4.04 16.14 -3.68
C GLY B 428 -5.25 15.36 -4.18
N ARG B 429 -5.07 14.05 -4.27
CA ARG B 429 -6.08 13.15 -4.81
C ARG B 429 -6.52 13.65 -6.19
N ASP B 430 -5.52 13.93 -7.03
CA ASP B 430 -5.68 14.59 -8.31
C ASP B 430 -4.87 13.85 -9.36
N PRO B 431 -5.39 13.71 -10.58
CA PRO B 431 -4.59 13.13 -11.66
C PRO B 431 -3.17 13.71 -11.75
N ASN B 432 -3.01 15.00 -11.45
CA ASN B 432 -1.67 15.60 -11.47
C ASN B 432 -0.74 14.97 -10.45
N GLY B 433 -1.29 14.57 -9.30
CA GLY B 433 -0.45 13.98 -8.26
C GLY B 433 0.00 12.57 -8.62
N TYR B 434 -0.93 11.75 -9.13
CA TYR B 434 -0.55 10.41 -9.55
C TYR B 434 0.42 10.47 -10.73
N ALA B 435 0.17 11.37 -11.68
CA ALA B 435 1.09 11.53 -12.79
C ALA B 435 2.43 12.10 -12.33
N GLY B 436 2.39 13.02 -11.37
CA GLY B 436 3.62 13.60 -10.88
C GLY B 436 4.45 12.60 -10.07
N ILE B 437 3.77 11.77 -9.28
CA ILE B 437 4.46 10.73 -8.53
C ILE B 437 4.99 9.67 -9.49
N ALA B 438 4.19 9.27 -10.48
CA ALA B 438 4.64 8.27 -11.44
C ALA B 438 5.77 8.79 -12.31
N TRP B 439 5.83 10.10 -12.54
CA TRP B 439 6.98 10.67 -13.23
C TRP B 439 8.23 10.52 -12.39
N SER B 440 8.10 10.75 -11.08
CA SER B 440 9.25 10.78 -10.18
C SER B 440 9.76 9.39 -9.84
N ILE B 441 8.84 8.44 -9.67
CA ILE B 441 9.19 7.11 -9.18
C ILE B 441 9.31 6.10 -10.33
N GLY B 442 8.48 6.23 -11.36
CA GLY B 442 8.43 5.23 -12.41
C GLY B 442 8.79 5.73 -13.79
N GLY B 443 9.22 6.98 -13.89
CA GLY B 443 9.61 7.50 -15.18
C GLY B 443 8.48 7.70 -16.16
N VAL B 444 7.24 7.79 -15.69
CA VAL B 444 6.13 8.09 -16.59
C VAL B 444 6.32 9.49 -17.16
N HIS B 445 6.25 9.60 -18.49
CA HIS B 445 6.43 10.86 -19.21
C HIS B 445 7.85 11.41 -19.07
N ASP B 446 8.80 10.58 -18.69
CA ASP B 446 10.22 10.93 -18.67
C ASP B 446 10.96 9.94 -19.56
N ARG B 447 12.29 10.00 -19.53
CA ARG B 447 13.10 9.06 -20.27
C ARG B 447 14.13 8.45 -19.33
N ALA B 448 14.88 7.49 -19.86
CA ALA B 448 15.85 6.75 -19.05
C ALA B 448 17.15 7.52 -18.92
N TRP B 449 17.82 7.34 -17.79
CA TRP B 449 19.09 7.99 -17.49
C TRP B 449 20.10 6.93 -17.06
N GLY B 450 21.31 7.37 -16.73
CA GLY B 450 22.37 6.46 -16.34
C GLY B 450 21.93 5.47 -15.28
N GLU B 451 22.30 4.20 -15.45
CA GLU B 451 21.87 3.18 -14.51
C GLU B 451 22.58 3.34 -13.17
N ARG B 452 21.81 3.30 -12.09
CA ARG B 452 22.34 3.40 -10.74
C ARG B 452 21.80 2.25 -9.91
N GLU B 453 22.44 2.02 -8.76
CA GLU B 453 21.92 1.06 -7.81
C GLU B 453 20.58 1.54 -7.26
N VAL B 454 19.74 0.58 -6.90
CA VAL B 454 18.45 0.81 -6.25
C VAL B 454 17.45 1.41 -7.21
N THR B 455 17.69 2.64 -7.66
CA THR B 455 16.77 3.38 -8.51
C THR B 455 16.96 3.13 -10.00
N GLY B 456 17.91 2.26 -10.37
CA GLY B 456 18.03 1.85 -11.76
C GLY B 456 18.22 3.04 -12.69
N LYS B 457 17.41 3.08 -13.75
CA LYS B 457 17.50 4.11 -14.76
C LYS B 457 16.51 5.25 -14.56
N ILE B 458 15.87 5.33 -13.38
CA ILE B 458 15.02 6.47 -13.09
C ILE B 458 15.88 7.71 -12.88
N ARG B 459 15.38 8.86 -13.32
CA ARG B 459 16.13 10.10 -13.21
C ARG B 459 16.50 10.35 -11.76
N TYR B 460 17.77 10.65 -11.52
CA TYR B 460 18.30 10.87 -10.18
C TYR B 460 18.34 12.37 -9.87
N MET B 461 18.06 12.72 -8.62
CA MET B 461 18.20 14.07 -8.12
C MET B 461 18.94 14.00 -6.79
N SER B 462 19.90 14.89 -6.60
CA SER B 462 20.82 14.80 -5.48
C SER B 462 20.72 16.05 -4.60
N TYR B 463 21.17 15.90 -3.36
CA TYR B 463 21.22 17.02 -2.45
C TYR B 463 22.16 18.10 -2.97
N GLU B 464 23.33 17.71 -3.44
CA GLU B 464 24.29 18.68 -3.97
C GLU B 464 23.77 19.34 -5.25
N GLY B 465 23.04 18.60 -6.07
CA GLY B 465 22.43 19.21 -7.25
C GLY B 465 21.52 20.36 -6.89
N CYS B 466 20.77 20.23 -5.78
CA CYS B 466 19.88 21.30 -5.37
C CYS B 466 20.67 22.49 -4.83
N LYS B 467 21.78 22.22 -4.15
CA LYS B 467 22.61 23.32 -3.62
C LYS B 467 23.13 24.19 -4.74
N ARG B 468 23.39 23.61 -5.91
CA ARG B 468 23.86 24.40 -7.04
CA ARG B 468 23.86 24.37 -7.06
C ARG B 468 22.79 25.33 -7.58
N LYS B 469 21.51 25.02 -7.35
CA LYS B 469 20.42 25.72 -8.00
C LYS B 469 19.70 26.73 -7.12
N PHE B 470 19.68 26.54 -5.81
CA PHE B 470 18.98 27.48 -4.95
C PHE B 470 19.49 27.36 -3.52
N ASP B 471 19.00 28.26 -2.67
CA ASP B 471 19.48 28.41 -1.30
C ASP B 471 18.84 27.35 -0.41
N VAL B 472 19.46 26.18 -0.36
CA VAL B 472 18.91 25.07 0.42
C VAL B 472 18.86 25.44 1.90
N LYS B 473 19.90 26.11 2.41
CA LYS B 473 19.93 26.45 3.82
C LYS B 473 18.78 27.38 4.18
N LEU B 474 18.44 28.30 3.28
CA LEU B 474 17.32 29.21 3.53
C LEU B 474 15.99 28.48 3.54
N TYR B 475 15.79 27.56 2.59
CA TYR B 475 14.59 26.73 2.59
C TYR B 475 14.49 25.94 3.90
N ILE B 476 15.60 25.34 4.33
CA ILE B 476 15.58 24.56 5.56
C ILE B 476 15.24 25.46 6.76
N GLU B 477 15.78 26.68 6.76
CA GLU B 477 15.56 27.56 7.91
C GLU B 477 14.13 28.07 7.95
N LYS B 478 13.52 28.28 6.79
CA LYS B 478 12.14 28.76 6.75
C LYS B 478 11.20 27.75 7.39
N TYR B 479 11.47 26.44 7.21
CA TYR B 479 10.62 25.38 7.74
C TYR B 479 11.31 24.56 8.81
N SER B 480 12.20 25.18 9.58
CA SER B 480 12.88 24.49 10.67
C SER B 480 11.87 24.19 11.79
PA FAD G . -2.58 -25.98 10.25
O1A FAD G . -2.49 -26.64 11.58
O2A FAD G . -3.80 -26.41 9.44
O5B FAD G . -1.28 -26.17 9.43
C5B FAD G . -0.01 -26.37 10.09
C4B FAD G . 1.04 -25.46 9.51
O4B FAD G . 1.13 -25.68 8.08
C3B FAD G . 0.75 -23.96 9.62
O3B FAD G . 1.06 -23.43 10.90
C2B FAD G . 1.66 -23.40 8.53
O2B FAD G . 3.02 -23.29 8.95
C1B FAD G . 1.52 -24.47 7.44
N9A FAD G . 0.51 -24.11 6.46
C8A FAD G . -0.82 -24.43 6.46
N7A FAD G . -1.50 -23.92 5.46
C5A FAD G . -0.54 -23.19 4.76
C6A FAD G . -0.62 -22.41 3.58
N6A FAD G . -1.72 -22.22 2.88
N1A FAD G . 0.53 -21.83 3.16
C2A FAD G . 1.65 -22.01 3.85
N3A FAD G . 1.84 -22.72 4.97
C4A FAD G . 0.69 -23.29 5.37
N1 FAD G . 0.19 -18.45 7.52
C2 FAD G . 1.03 -17.85 8.41
O2 FAD G . 1.82 -18.51 9.10
N3 FAD G . 1.01 -16.48 8.55
C4 FAD G . 0.20 -15.61 7.85
O4 FAD G . 0.27 -14.39 8.06
C4X FAD G . -0.70 -16.26 6.92
N5 FAD G . -1.50 -15.51 6.23
C5X FAD G . -2.34 -16.13 5.32
C6 FAD G . -3.20 -15.33 4.57
C7 FAD G . -4.08 -15.90 3.65
C7M FAD G . -4.99 -15.00 2.85
C8 FAD G . -4.09 -17.29 3.47
C8M FAD G . -5.02 -17.93 2.48
C9 FAD G . -3.23 -18.09 4.23
C9A FAD G . -2.36 -17.52 5.15
N10 FAD G . -1.48 -18.29 5.92
C10 FAD G . -0.63 -17.69 6.82
C1' FAD G . -1.45 -19.77 5.80
C2' FAD G . -2.49 -20.48 6.69
O2' FAD G . -3.76 -19.84 6.64
C3' FAD G . -2.01 -20.49 8.15
O3' FAD G . -0.67 -20.96 8.19
C4' FAD G . -2.86 -21.34 9.11
O4' FAD G . -4.18 -20.82 9.16
C5' FAD G . -2.25 -21.38 10.50
O5' FAD G . -3.07 -22.20 11.35
P FAD G . -2.61 -23.64 11.80
O1P FAD G . -1.16 -23.59 12.28
O2P FAD G . -3.62 -24.18 12.70
O3P FAD G . -2.64 -24.41 10.43
S SO4 H . -3.81 -4.95 19.58
O1 SO4 H . -2.75 -5.30 18.71
O2 SO4 H . -3.68 -3.58 19.94
O3 SO4 H . -5.06 -5.14 18.91
O4 SO4 H . -3.75 -5.78 20.73
C1 GOL I . -13.74 -14.99 -4.79
O1 GOL I . -15.08 -15.24 -4.51
C2 GOL I . -13.72 -13.98 -5.92
O2 GOL I . -13.87 -12.68 -5.48
C3 GOL I . -12.40 -14.24 -6.68
O3 GOL I . -11.39 -13.48 -6.05
C1 GOL J . 7.47 -8.52 16.19
O1 GOL J . 6.65 -7.80 17.04
C2 GOL J . 8.42 -7.54 15.41
O2 GOL J . 9.46 -8.21 14.78
C3 GOL J . 8.98 -6.56 16.49
O3 GOL J . 9.47 -5.44 15.81
C1 GOL K . 19.18 -13.97 3.05
O1 GOL K . 18.74 -12.97 3.93
C2 GOL K . 20.24 -13.31 2.12
O2 GOL K . 20.94 -12.29 2.76
C3 GOL K . 21.16 -14.46 1.66
O3 GOL K . 22.26 -13.87 1.04
C1 GOL L . 14.03 -11.21 -0.86
O1 GOL L . 13.77 -11.71 -2.14
C2 GOL L . 15.57 -11.30 -0.64
O2 GOL L . 15.91 -11.25 0.69
C3 GOL L . 16.02 -12.62 -1.31
O3 GOL L . 15.20 -13.64 -0.83
C1 GOL M . 17.72 -14.97 -3.67
O1 GOL M . 18.43 -13.95 -3.04
C2 GOL M . 18.25 -15.05 -5.13
O2 GOL M . 17.26 -14.80 -6.07
C3 GOL M . 18.84 -16.47 -5.27
O3 GOL M . 19.15 -16.64 -6.63
PA FAD N . 2.29 26.51 -11.07
O1A FAD N . 1.71 27.85 -10.80
O2A FAD N . 3.78 26.46 -11.39
O5B FAD N . 1.51 25.81 -12.26
C5B FAD N . 0.15 26.13 -12.55
C4B FAD N . -0.67 24.88 -12.71
O4B FAD N . -0.07 24.02 -13.71
C3B FAD N . -0.79 23.98 -11.48
O3B FAD N . -1.75 24.46 -10.55
C2B FAD N . -1.19 22.65 -12.12
O2B FAD N . -2.58 22.58 -12.43
C1B FAD N . -0.36 22.66 -13.41
N9A FAD N . 0.90 21.94 -13.26
C8A FAD N . 2.10 22.46 -12.86
N7A FAD N . 3.07 21.57 -12.79
C5A FAD N . 2.45 20.39 -13.17
C6A FAD N . 2.93 19.07 -13.30
N6A FAD N . 4.20 18.72 -13.06
N1A FAD N . 2.05 18.12 -13.70
C2A FAD N . 0.79 18.47 -13.93
N3A FAD N . 0.22 19.67 -13.84
C4A FAD N . 1.11 20.59 -13.45
N1 FAD N . -0.31 18.84 -8.75
C2 FAD N . -1.57 18.85 -8.25
O2 FAD N . -2.44 19.63 -8.69
N3 FAD N . -1.93 17.96 -7.25
C4 FAD N . -1.10 17.03 -6.67
O4 FAD N . -1.53 16.29 -5.78
C4X FAD N . 0.25 17.03 -7.19
N5 FAD N . 1.11 16.19 -6.69
C5X FAD N . 2.40 16.18 -7.19
C6 FAD N . 3.32 15.27 -6.66
C7 FAD N . 4.63 15.23 -7.13
C7M FAD N . 5.59 14.23 -6.53
C8 FAD N . 5.03 16.11 -8.14
C8M FAD N . 6.44 16.09 -8.67
C9 FAD N . 4.11 17.02 -8.67
C9A FAD N . 2.81 17.06 -8.21
N10 FAD N . 1.86 17.97 -8.71
C10 FAD N . 0.56 17.97 -8.23
C1' FAD N . 2.20 18.89 -9.81
C2' FAD N . 2.86 20.18 -9.37
O2' FAD N . 3.94 19.87 -8.50
C3' FAD N . 1.81 21.04 -8.68
O3' FAD N . 0.65 21.12 -9.50
C4' FAD N . 2.25 22.47 -8.38
O4' FAD N . 3.31 22.44 -7.41
C5' FAD N . 1.10 23.32 -7.87
O5' FAD N . 1.56 24.65 -7.60
P FAD N . 1.18 25.85 -8.55
O1P FAD N . -0.30 25.82 -8.94
O2P FAD N . 1.60 27.14 -7.98
O3P FAD N . 2.03 25.54 -9.85
C1 GOL O . -26.34 22.40 3.15
O1 GOL O . -27.02 23.58 2.84
C2 GOL O . -25.03 22.82 3.85
O2 GOL O . -24.96 22.36 5.16
C3 GOL O . -23.91 22.25 2.95
O3 GOL O . -23.51 23.28 2.11
C1 GOL P . -15.59 8.14 -15.61
O1 GOL P . -16.17 8.80 -14.53
C2 GOL P . -16.64 8.11 -16.74
O2 GOL P . -17.05 6.80 -17.05
C3 GOL P . -15.92 8.81 -17.92
O3 GOL P . -16.09 8.02 -19.05
C1 GOL Q . -8.63 26.58 5.75
O1 GOL Q . -9.88 26.05 6.08
C2 GOL Q . -8.26 26.04 4.35
O2 GOL Q . -7.20 26.74 3.79
C3 GOL Q . -7.91 24.55 4.57
O3 GOL Q . -9.03 23.94 5.14
C1 GOL R . -4.81 6.49 1.64
O1 GOL R . -3.46 6.59 1.20
C2 GOL R . -5.09 7.44 2.80
O2 GOL R . -4.69 6.83 4.03
C3 GOL R . -4.46 8.80 2.63
O3 GOL R . -5.22 9.63 1.77
#